data_6GBS
#
_entry.id   6GBS
#
_cell.length_a   52.595
_cell.length_b   69.719
_cell.length_c   70.947
_cell.angle_alpha   104.480
_cell.angle_beta   101.390
_cell.angle_gamma   111.610
#
_symmetry.space_group_name_H-M   'P 1'
#
loop_
_entity.id
_entity.type
_entity.pdbx_description
1 polymer 'Putative mRNA decapping protein'
2 non-polymer 1,2-ETHANEDIOL
3 non-polymer DI(HYDROXYETHYL)ETHER
4 water water
#
_entity_poly.entity_id   1
_entity_poly.type   'polypeptide(L)'
_entity_poly.pdbx_seq_one_letter_code
;GAMDAKRSAEALVPRFQFERLLNQDQAGRRSALYGAIDGQPALLILERAPFPTSTAYLGRAANTLRALTNLGANDIYHWY
LASSGVIEIPVEESEGTDDEFADLKINLIYPCTEKHVKKYSKQGVRFVTETPEIYRDYVRPYMQAQREAGRLNWVYNIIE
GRKEVEDVIYRTPYGQDPEEGFLLLPDLNWDRKTVEALHLLGIVERRDLWSLRDLKKKHLPWLRHMREKLIEATTKVYPT
VEADQLKLYLHYQPTYYHLNIHIVHVQLEAGATQATGKAVGLESVMEQLEHMHVGPEDGDGSDVGMDRVTMCYTLGEASD
LWVDVFEPLKRKKQARPTSEPGAASQSQ
;
_entity_poly.pdbx_strand_id   A,B
#
loop_
_chem_comp.id
_chem_comp.type
_chem_comp.name
_chem_comp.formula
EDO non-polymer 1,2-ETHANEDIOL 'C2 H6 O2'
PEG non-polymer DI(HYDROXYETHYL)ETHER 'C4 H10 O3'
#
# COMPACT_ATOMS: atom_id res chain seq x y z
N MET A 3 -32.54 -8.98 24.56
CA MET A 3 -31.14 -9.19 24.20
C MET A 3 -30.27 -9.30 25.44
N ASP A 4 -30.41 -10.42 26.16
CA ASP A 4 -29.56 -10.68 27.31
C ASP A 4 -28.12 -10.98 26.89
N ALA A 5 -27.94 -11.70 25.77
CA ALA A 5 -26.58 -11.97 25.32
C ALA A 5 -25.88 -10.69 24.86
N LYS A 6 -26.62 -9.78 24.24
CA LYS A 6 -26.03 -8.51 23.83
C LYS A 6 -25.57 -7.69 25.03
N ARG A 7 -26.43 -7.56 26.05
CA ARG A 7 -26.02 -6.85 27.26
C ARG A 7 -24.92 -7.59 28.01
N SER A 8 -24.95 -8.92 27.98
CA SER A 8 -23.89 -9.69 28.62
C SER A 8 -22.54 -9.41 27.99
N ALA A 9 -22.48 -9.41 26.65
CA ALA A 9 -21.22 -9.10 25.95
C ALA A 9 -20.77 -7.67 26.22
N GLU A 10 -21.72 -6.73 26.32
CA GLU A 10 -21.36 -5.35 26.61
C GLU A 10 -20.77 -5.21 28.01
N ALA A 11 -21.22 -6.02 28.97
CA ALA A 11 -20.68 -5.93 30.33
C ALA A 11 -19.21 -6.33 30.41
N LEU A 12 -18.70 -7.14 29.46
CA LEU A 12 -17.31 -7.56 29.50
C LEU A 12 -16.34 -6.39 29.39
N VAL A 13 -16.62 -5.46 28.48
CA VAL A 13 -15.61 -4.49 28.06
C VAL A 13 -15.12 -3.62 29.22
N PRO A 14 -15.98 -2.99 30.02
CA PRO A 14 -15.47 -2.18 31.14
C PRO A 14 -14.73 -2.98 32.21
N ARG A 15 -14.75 -4.31 32.17
CA ARG A 15 -13.95 -5.11 33.12
C ARG A 15 -12.55 -5.40 32.61
N PHE A 16 -12.20 -4.97 31.38
CA PHE A 16 -10.87 -5.23 30.87
C PHE A 16 -9.82 -4.50 31.69
N GLN A 17 -8.78 -5.22 32.12
CA GLN A 17 -7.64 -4.65 32.85
C GLN A 17 -6.42 -4.71 31.95
N PHE A 18 -6.02 -3.55 31.43
CA PHE A 18 -4.92 -3.46 30.48
C PHE A 18 -3.60 -3.94 31.08
N GLU A 19 -2.85 -4.73 30.31
CA GLU A 19 -1.49 -5.10 30.72
C GLU A 19 -0.44 -4.53 29.77
N ARG A 20 -0.52 -4.80 28.47
CA ARG A 20 0.51 -4.29 27.58
C ARG A 20 -0.03 -4.19 26.16
N LEU A 21 0.63 -3.33 25.36
CA LEU A 21 0.32 -3.16 23.95
C LEU A 21 1.03 -4.23 23.14
N LEU A 22 0.27 -5.00 22.36
CA LEU A 22 0.86 -6.03 21.52
C LEU A 22 1.31 -5.52 20.16
N ASN A 23 0.58 -4.56 19.60
CA ASN A 23 0.84 -4.06 18.26
C ASN A 23 0.01 -2.81 18.07
N GLN A 24 0.58 -1.86 17.32
CA GLN A 24 -0.16 -0.70 16.88
C GLN A 24 0.17 -0.52 15.41
N ASP A 25 -0.85 -0.50 14.56
CA ASP A 25 -0.59 -0.44 13.11
C ASP A 25 -1.71 0.36 12.44
N GLN A 26 -1.76 0.26 11.11
CA GLN A 26 -2.74 1.00 10.30
C GLN A 26 -2.65 2.50 10.55
N ALA A 27 -1.44 3.03 10.44
CA ALA A 27 -1.16 4.45 10.65
C ALA A 27 -1.51 4.85 12.08
N GLY A 28 -1.31 3.93 13.02
CA GLY A 28 -1.60 4.18 14.40
C GLY A 28 -3.05 4.05 14.80
N ARG A 29 -3.95 3.81 13.85
CA ARG A 29 -5.38 3.78 14.13
C ARG A 29 -5.91 2.40 14.48
N ARG A 30 -5.06 1.41 14.73
CA ARG A 30 -5.49 0.14 15.31
C ARG A 30 -4.48 -0.29 16.37
N SER A 31 -4.95 -0.53 17.60
CA SER A 31 -4.09 -0.97 18.69
C SER A 31 -4.61 -2.28 19.24
N ALA A 32 -3.73 -3.25 19.41
CA ALA A 32 -4.08 -4.56 19.95
C ALA A 32 -3.58 -4.63 21.38
N LEU A 33 -4.50 -4.65 22.36
CA LEU A 33 -4.16 -4.61 23.78
C LEU A 33 -4.31 -5.99 24.43
N TYR A 34 -3.34 -6.35 25.26
CA TYR A 34 -3.42 -7.59 26.02
C TYR A 34 -3.72 -7.23 27.47
N GLY A 35 -4.58 -8.02 28.09
CA GLY A 35 -4.85 -7.80 29.48
C GLY A 35 -5.59 -8.96 30.11
N ALA A 36 -6.51 -8.65 31.02
CA ALA A 36 -7.24 -9.68 31.73
C ALA A 36 -8.65 -9.18 31.99
N ILE A 37 -9.57 -10.13 32.05
CA ILE A 37 -10.94 -9.92 32.50
C ILE A 37 -11.23 -11.05 33.48
N ASP A 38 -11.73 -10.70 34.67
CA ASP A 38 -12.07 -11.72 35.65
C ASP A 38 -10.88 -12.66 35.87
N GLY A 39 -9.67 -12.10 35.83
CA GLY A 39 -8.47 -12.89 36.08
C GLY A 39 -8.12 -13.91 35.03
N GLN A 40 -8.61 -13.77 33.79
CA GLN A 40 -8.23 -14.65 32.69
C GLN A 40 -7.78 -13.80 31.51
N PRO A 41 -6.90 -14.33 30.66
CA PRO A 41 -6.35 -13.50 29.57
C PRO A 41 -7.44 -13.00 28.64
N ALA A 42 -7.29 -11.75 28.21
CA ALA A 42 -8.22 -11.06 27.32
C ALA A 42 -7.43 -10.28 26.29
N LEU A 43 -7.92 -10.24 25.04
CA LEU A 43 -7.27 -9.51 23.97
C LEU A 43 -8.29 -8.54 23.39
N LEU A 44 -8.07 -7.25 23.59
CA LEU A 44 -8.99 -6.20 23.16
C LEU A 44 -8.34 -5.38 22.04
N ILE A 45 -8.99 -5.35 20.87
CA ILE A 45 -8.46 -4.64 19.70
C ILE A 45 -9.29 -3.37 19.47
N LEU A 46 -8.64 -2.20 19.63
CA LEU A 46 -9.27 -0.91 19.39
C LEU A 46 -8.96 -0.45 17.96
N GLU A 47 -9.99 0.03 17.26
CA GLU A 47 -9.84 0.60 15.92
C GLU A 47 -10.61 1.92 15.85
N ARG A 48 -10.00 2.92 15.24
CA ARG A 48 -10.76 4.10 14.86
C ARG A 48 -11.77 3.68 13.79
N ALA A 49 -13.02 4.09 13.96
CA ALA A 49 -14.03 3.82 12.94
C ALA A 49 -13.83 4.74 11.71
N PRO A 50 -14.31 4.33 10.54
CA PRO A 50 -14.38 5.27 9.42
C PRO A 50 -15.33 6.39 9.74
N PHE A 51 -15.16 7.54 9.07
CA PHE A 51 -16.08 8.64 9.29
C PHE A 51 -17.44 8.34 8.66
N PRO A 52 -18.54 8.68 9.35
CA PRO A 52 -19.84 8.59 8.70
C PRO A 52 -19.89 9.48 7.46
N THR A 53 -20.74 9.10 6.51
CA THR A 53 -21.05 9.96 5.38
C THR A 53 -22.37 10.71 5.54
N SER A 54 -23.17 10.37 6.54
CA SER A 54 -24.40 11.10 6.80
C SER A 54 -24.12 12.59 6.91
N THR A 55 -24.98 13.41 6.29
CA THR A 55 -24.85 14.86 6.50
C THR A 55 -25.16 15.24 7.93
N ALA A 56 -25.98 14.45 8.64
CA ALA A 56 -26.20 14.76 10.05
C ALA A 56 -24.90 14.74 10.83
N TYR A 57 -23.96 13.89 10.43
CA TYR A 57 -22.64 13.89 11.06
C TYR A 57 -21.74 14.97 10.46
N LEU A 58 -21.54 14.93 9.13
CA LEU A 58 -20.59 15.83 8.48
C LEU A 58 -20.98 17.29 8.63
N GLY A 59 -22.26 17.60 8.66
CA GLY A 59 -22.67 18.98 8.86
C GLY A 59 -22.60 19.49 10.28
N ARG A 60 -22.27 18.63 11.26
CA ARG A 60 -22.22 19.04 12.65
C ARG A 60 -20.89 18.75 13.34
N ALA A 61 -20.01 17.97 12.72
CA ALA A 61 -18.80 17.53 13.41
C ALA A 61 -17.95 18.72 13.87
N ALA A 62 -17.77 19.73 13.00
CA ALA A 62 -16.95 20.89 13.36
C ALA A 62 -17.63 21.81 14.37
N ASN A 63 -18.94 21.69 14.55
CA ASN A 63 -19.71 22.63 15.36
C ASN A 63 -20.08 22.09 16.72
N THR A 64 -19.66 20.86 17.05
CA THR A 64 -20.03 20.20 18.30
C THR A 64 -18.81 19.61 19.02
N LEU A 65 -17.61 20.01 18.65
CA LEU A 65 -16.43 19.42 19.27
C LEU A 65 -16.45 19.66 20.78
N ARG A 66 -16.08 18.64 21.55
CA ARG A 66 -16.00 18.83 22.99
C ARG A 66 -14.66 19.39 23.43
N ALA A 67 -13.69 19.46 22.52
CA ALA A 67 -12.38 20.05 22.79
C ALA A 67 -11.71 20.32 21.46
N LEU A 68 -10.93 21.41 21.43
CA LEU A 68 -10.23 21.84 20.21
C LEU A 68 -9.00 22.64 20.59
N THR A 69 -7.85 22.22 20.08
CA THR A 69 -6.58 22.89 20.34
C THR A 69 -5.87 23.14 19.01
N ASN A 70 -5.58 24.41 18.72
CA ASN A 70 -4.75 24.73 17.56
C ASN A 70 -3.30 24.41 17.86
N LEU A 71 -2.65 23.66 16.96
CA LEU A 71 -1.25 23.32 17.13
C LEU A 71 -0.35 24.30 16.41
N GLY A 72 -0.78 24.79 15.26
CA GLY A 72 -0.02 25.78 14.54
C GLY A 72 -0.85 26.32 13.40
N ALA A 73 -0.29 27.34 12.75
CA ALA A 73 -0.93 27.96 11.60
C ALA A 73 0.14 28.61 10.75
N ASN A 74 -0.15 28.73 9.46
CA ASN A 74 0.74 29.40 8.52
C ASN A 74 -0.12 29.98 7.40
N ASP A 75 -0.34 31.29 7.46
CA ASP A 75 -1.15 31.92 6.42
C ASP A 75 -2.56 31.31 6.41
N ILE A 76 -2.93 30.61 5.33
CA ILE A 76 -4.27 30.03 5.23
C ILE A 76 -4.36 28.60 5.79
N TYR A 77 -3.26 28.05 6.31
CA TYR A 77 -3.22 26.68 6.79
C TYR A 77 -3.25 26.66 8.32
N HIS A 78 -4.11 25.82 8.88
CA HIS A 78 -4.27 25.67 10.32
C HIS A 78 -4.39 24.20 10.67
N TRP A 79 -3.77 23.76 11.77
CA TRP A 79 -3.90 22.37 12.17
C TRP A 79 -4.18 22.27 13.66
N TYR A 80 -4.98 21.27 14.02
CA TYR A 80 -5.56 21.16 15.36
C TYR A 80 -5.59 19.70 15.79
N LEU A 81 -5.69 19.51 17.09
CA LEU A 81 -6.19 18.27 17.69
C LEU A 81 -7.55 18.57 18.30
N ALA A 82 -8.41 17.55 18.32
CA ALA A 82 -9.77 17.80 18.78
C ALA A 82 -10.36 16.48 19.29
N SER A 83 -11.43 16.63 20.05
CA SER A 83 -12.21 15.50 20.56
C SER A 83 -13.65 15.69 20.09
N SER A 84 -14.23 14.60 19.57
CA SER A 84 -15.59 14.63 19.03
C SER A 84 -16.63 14.84 20.13
N GLY A 85 -17.63 15.67 19.85
CA GLY A 85 -18.79 15.75 20.71
C GLY A 85 -19.80 14.66 20.36
N VAL A 86 -20.90 14.64 21.09
CA VAL A 86 -21.95 13.66 20.83
C VAL A 86 -22.83 14.16 19.69
N ILE A 87 -22.99 13.36 18.65
CA ILE A 87 -23.94 13.67 17.58
C ILE A 87 -24.94 12.52 17.49
N GLU A 88 -26.21 12.84 17.68
CA GLU A 88 -27.25 11.83 17.64
C GLU A 88 -27.58 11.47 16.20
N ILE A 89 -27.82 10.18 15.98
CA ILE A 89 -28.23 9.73 14.65
C ILE A 89 -29.71 10.02 14.47
N PRO A 90 -30.11 10.63 13.34
CA PRO A 90 -31.51 11.02 13.17
C PRO A 90 -32.44 9.82 13.15
N VAL A 91 -33.71 10.09 13.46
CA VAL A 91 -34.71 9.04 13.61
C VAL A 91 -34.73 8.10 12.41
N GLU A 92 -34.64 8.65 11.19
CA GLU A 92 -34.79 7.85 9.97
C GLU A 92 -33.57 7.03 9.61
N GLU A 93 -32.48 7.10 10.37
CA GLU A 93 -31.31 6.27 10.09
C GLU A 93 -30.97 5.31 11.23
N SER A 94 -31.71 5.36 12.32
CA SER A 94 -31.41 4.54 13.50
C SER A 94 -32.57 3.61 13.85
N ASP A 98 -32.17 5.24 21.03
CA ASP A 98 -31.44 6.45 20.68
C ASP A 98 -29.94 6.18 20.58
N ASP A 99 -29.43 6.18 19.35
CA ASP A 99 -28.01 6.02 19.09
C ASP A 99 -27.30 7.34 18.76
N GLU A 100 -26.01 7.37 19.03
CA GLU A 100 -25.10 8.42 18.57
C GLU A 100 -24.13 7.78 17.58
N PHE A 101 -23.53 8.61 16.72
CA PHE A 101 -22.51 8.11 15.81
C PHE A 101 -21.30 7.61 16.61
N ALA A 102 -20.75 6.48 16.19
CA ALA A 102 -19.67 5.83 16.92
C ALA A 102 -18.32 6.19 16.32
N ASP A 103 -17.31 6.40 17.17
CA ASP A 103 -15.95 6.65 16.69
C ASP A 103 -15.01 5.47 16.86
N LEU A 104 -15.42 4.39 17.53
CA LEU A 104 -14.56 3.23 17.74
C LEU A 104 -15.23 1.96 17.26
N LYS A 105 -14.41 1.05 16.74
CA LYS A 105 -14.77 -0.36 16.59
C LYS A 105 -13.91 -1.15 17.56
N ILE A 106 -14.53 -2.12 18.22
CA ILE A 106 -13.85 -2.89 19.25
C ILE A 106 -14.07 -4.37 18.97
N ASN A 107 -12.97 -5.13 19.00
CA ASN A 107 -13.04 -6.59 19.01
C ASN A 107 -12.42 -7.09 20.31
N LEU A 108 -13.13 -7.98 21.00
CA LEU A 108 -12.65 -8.57 22.24
C LEU A 108 -12.60 -10.09 22.09
N ILE A 109 -11.41 -10.65 22.26
CA ILE A 109 -11.24 -12.09 22.31
C ILE A 109 -11.09 -12.47 23.77
N TYR A 110 -12.06 -13.21 24.31
CA TYR A 110 -12.04 -13.52 25.72
C TYR A 110 -12.81 -14.80 26.00
N PRO A 111 -12.22 -15.78 26.70
CA PRO A 111 -10.79 -15.78 27.08
C PRO A 111 -9.91 -16.01 25.86
N CYS A 112 -8.77 -15.33 25.76
CA CYS A 112 -7.88 -15.57 24.63
C CYS A 112 -6.78 -16.54 25.06
N THR A 113 -6.05 -17.04 24.07
CA THR A 113 -4.96 -17.99 24.31
C THR A 113 -3.64 -17.41 23.79
N GLU A 114 -2.56 -18.20 23.94
CA GLU A 114 -1.26 -17.80 23.42
C GLU A 114 -1.26 -17.73 21.90
N LYS A 115 -2.10 -18.53 21.23
CA LYS A 115 -2.21 -18.43 19.79
C LYS A 115 -2.70 -17.04 19.36
N HIS A 116 -3.65 -16.47 20.12
CA HIS A 116 -4.14 -15.14 19.77
C HIS A 116 -3.08 -14.08 20.02
N VAL A 117 -2.36 -14.21 21.14
CA VAL A 117 -1.29 -13.26 21.41
C VAL A 117 -0.30 -13.26 20.26
N LYS A 118 0.15 -14.45 19.84
CA LYS A 118 1.08 -14.54 18.73
C LYS A 118 0.51 -13.90 17.48
N LYS A 119 -0.75 -14.21 17.17
CA LYS A 119 -1.36 -13.71 15.94
C LYS A 119 -1.37 -12.20 15.89
N TYR A 120 -1.63 -11.53 17.01
CA TYR A 120 -1.82 -10.09 17.00
C TYR A 120 -0.60 -9.33 17.49
N SER A 121 0.49 -10.01 17.82
CA SER A 121 1.70 -9.31 18.22
C SER A 121 2.43 -8.79 16.99
N LYS A 122 3.14 -7.69 17.16
CA LYS A 122 3.86 -7.10 16.05
C LYS A 122 4.87 -8.09 15.48
N GLN A 123 4.96 -8.15 14.16
CA GLN A 123 5.90 -9.03 13.49
C GLN A 123 6.83 -8.19 12.64
N GLY A 124 8.14 -8.36 12.84
CA GLY A 124 9.12 -7.68 11.99
C GLY A 124 9.13 -8.22 10.59
N VAL A 125 9.56 -7.39 9.63
CA VAL A 125 9.60 -7.72 8.22
C VAL A 125 11.05 -7.70 7.76
N ARG A 126 11.39 -8.59 6.83
CA ARG A 126 12.73 -8.63 6.23
C ARG A 126 12.60 -8.69 4.71
N PHE A 127 13.58 -8.13 4.03
CA PHE A 127 13.65 -8.15 2.56
C PHE A 127 14.72 -9.14 2.18
N VAL A 128 14.33 -10.21 1.47
CA VAL A 128 15.27 -11.31 1.24
C VAL A 128 15.55 -11.41 -0.25
N THR A 129 16.65 -12.09 -0.58
CA THR A 129 17.12 -12.25 -1.96
C THR A 129 17.11 -13.74 -2.28
N GLU A 130 16.20 -14.15 -3.17
CA GLU A 130 16.04 -15.55 -3.53
C GLU A 130 16.66 -15.77 -4.90
N THR A 131 17.91 -16.22 -4.93
CA THR A 131 18.55 -16.62 -6.18
C THR A 131 17.91 -17.89 -6.76
N PRO A 132 18.20 -18.20 -8.02
CA PRO A 132 17.75 -19.50 -8.56
C PRO A 132 18.22 -20.67 -7.72
N GLU A 133 19.44 -20.59 -7.18
CA GLU A 133 19.98 -21.68 -6.38
C GLU A 133 19.20 -21.85 -5.07
N ILE A 134 18.82 -20.76 -4.43
CA ILE A 134 18.07 -20.86 -3.18
C ILE A 134 16.65 -21.36 -3.43
N TYR A 135 16.05 -20.97 -4.56
CA TYR A 135 14.74 -21.50 -4.92
C TYR A 135 14.81 -23.01 -5.13
N ARG A 136 15.84 -23.46 -5.86
N ARG A 136 15.83 -23.47 -5.87
CA ARG A 136 16.01 -24.87 -6.18
CA ARG A 136 15.96 -24.89 -6.15
C ARG A 136 16.29 -25.69 -4.92
C ARG A 136 16.27 -25.69 -4.88
N ASP A 137 17.22 -25.22 -4.07
CA ASP A 137 17.66 -26.03 -2.95
C ASP A 137 16.74 -25.92 -1.73
N TYR A 138 16.06 -24.79 -1.52
CA TYR A 138 15.32 -24.62 -0.27
C TYR A 138 13.86 -24.24 -0.45
N VAL A 139 13.55 -23.31 -1.35
CA VAL A 139 12.19 -22.77 -1.39
C VAL A 139 11.26 -23.73 -2.10
N ARG A 140 11.66 -24.21 -3.28
CA ARG A 140 10.83 -25.19 -3.98
C ARG A 140 10.61 -26.46 -3.15
N PRO A 141 11.61 -27.04 -2.47
CA PRO A 141 11.32 -28.15 -1.55
C PRO A 141 10.30 -27.79 -0.49
N TYR A 142 10.34 -26.56 0.04
CA TYR A 142 9.35 -26.13 1.03
C TYR A 142 7.95 -26.07 0.43
N MET A 143 7.83 -25.47 -0.77
CA MET A 143 6.53 -25.46 -1.44
C MET A 143 5.99 -26.87 -1.64
N GLN A 144 6.84 -27.78 -2.11
CA GLN A 144 6.37 -29.14 -2.33
C GLN A 144 5.84 -29.75 -1.04
N ALA A 145 6.60 -29.61 0.05
CA ALA A 145 6.16 -30.22 1.30
C ALA A 145 4.82 -29.66 1.74
N GLN A 146 4.62 -28.35 1.57
CA GLN A 146 3.35 -27.73 1.92
C GLN A 146 2.20 -28.35 1.14
N ARG A 147 2.40 -28.54 -0.18
CA ARG A 147 1.33 -29.14 -0.98
C ARG A 147 1.12 -30.61 -0.62
N GLU A 148 2.22 -31.36 -0.42
CA GLU A 148 2.06 -32.78 -0.08
C GLU A 148 1.33 -32.93 1.24
N ALA A 149 1.54 -32.01 2.18
CA ALA A 149 0.87 -32.01 3.48
C ALA A 149 -0.63 -31.72 3.38
N GLY A 150 -1.12 -31.28 2.24
CA GLY A 150 -2.54 -30.98 2.10
C GLY A 150 -2.96 -29.55 2.37
N ARG A 151 -2.02 -28.59 2.38
CA ARG A 151 -2.36 -27.20 2.70
C ARG A 151 -3.30 -26.55 1.68
N LEU A 152 -3.44 -27.10 0.47
CA LEU A 152 -4.33 -26.51 -0.52
C LEU A 152 -5.73 -27.14 -0.51
N ASN A 153 -6.03 -28.01 0.47
CA ASN A 153 -7.36 -28.62 0.50
C ASN A 153 -8.46 -27.58 0.36
N TRP A 154 -8.34 -26.45 1.04
CA TRP A 154 -9.40 -25.43 1.00
C TRP A 154 -9.57 -24.87 -0.42
N VAL A 155 -8.47 -24.66 -1.13
CA VAL A 155 -8.55 -24.19 -2.51
C VAL A 155 -9.22 -25.23 -3.37
N TYR A 156 -8.77 -26.48 -3.26
CA TYR A 156 -9.33 -27.53 -4.10
C TYR A 156 -10.83 -27.70 -3.85
N ASN A 157 -11.26 -27.52 -2.59
CA ASN A 157 -12.68 -27.66 -2.27
C ASN A 157 -13.51 -26.62 -3.01
N ILE A 158 -12.97 -25.42 -3.19
CA ILE A 158 -13.67 -24.39 -3.94
C ILE A 158 -13.63 -24.70 -5.43
N ILE A 159 -12.45 -25.08 -5.94
CA ILE A 159 -12.34 -25.41 -7.35
C ILE A 159 -13.32 -26.51 -7.74
N GLU A 160 -13.44 -27.54 -6.89
CA GLU A 160 -14.31 -28.67 -7.22
C GLU A 160 -15.77 -28.41 -6.90
N GLY A 161 -16.10 -27.23 -6.36
CA GLY A 161 -17.50 -26.90 -6.13
C GLY A 161 -18.08 -27.51 -4.88
N ARG A 162 -17.27 -27.79 -3.86
N ARG A 162 -17.26 -27.82 -3.88
CA ARG A 162 -17.76 -28.37 -2.63
CA ARG A 162 -17.75 -28.37 -2.63
C ARG A 162 -17.80 -27.39 -1.47
C ARG A 162 -18.01 -27.29 -1.60
N LYS A 163 -17.26 -26.19 -1.65
CA LYS A 163 -17.35 -25.10 -0.68
C LYS A 163 -17.39 -23.76 -1.39
N GLU A 164 -17.99 -22.78 -0.71
CA GLU A 164 -18.08 -21.39 -1.16
C GLU A 164 -18.74 -21.28 -2.53
N VAL A 165 -19.56 -22.28 -2.89
CA VAL A 165 -20.31 -22.21 -4.15
C VAL A 165 -21.08 -20.90 -4.26
N GLU A 166 -21.65 -20.44 -3.15
CA GLU A 166 -22.47 -19.22 -3.20
C GLU A 166 -21.63 -17.95 -3.25
N ASP A 167 -20.34 -18.01 -2.94
CA ASP A 167 -19.51 -16.81 -2.99
C ASP A 167 -18.83 -16.58 -4.34
N VAL A 168 -18.73 -17.62 -5.17
CA VAL A 168 -18.14 -17.47 -6.50
C VAL A 168 -18.99 -16.51 -7.32
N ILE A 169 -18.37 -15.47 -7.88
CA ILE A 169 -19.13 -14.53 -8.70
C ILE A 169 -19.10 -14.88 -10.18
N TYR A 170 -18.16 -15.73 -10.60
CA TYR A 170 -18.10 -16.20 -11.98
C TYR A 170 -17.16 -17.39 -12.05
N ARG A 171 -17.51 -18.38 -12.86
CA ARG A 171 -16.56 -19.47 -13.10
C ARG A 171 -16.89 -20.17 -14.40
N THR A 172 -15.88 -20.80 -14.97
CA THR A 172 -16.19 -21.86 -15.90
C THR A 172 -16.55 -23.13 -15.11
N PRO A 173 -17.54 -23.89 -15.59
CA PRO A 173 -17.97 -25.10 -14.84
C PRO A 173 -16.81 -26.07 -14.67
N TYR A 174 -16.66 -26.57 -13.44
CA TYR A 174 -15.56 -27.47 -13.11
C TYR A 174 -15.49 -28.64 -14.08
N GLY A 175 -14.30 -28.91 -14.61
CA GLY A 175 -14.06 -30.01 -15.52
C GLY A 175 -14.28 -29.68 -16.99
N GLN A 176 -15.06 -28.65 -17.29
CA GLN A 176 -15.33 -28.29 -18.67
C GLN A 176 -14.07 -27.84 -19.38
N ASP A 177 -13.22 -27.06 -18.71
CA ASP A 177 -11.96 -26.60 -19.31
C ASP A 177 -10.82 -26.82 -18.33
N PRO A 178 -10.22 -28.01 -18.34
CA PRO A 178 -9.17 -28.29 -17.36
C PRO A 178 -7.91 -27.45 -17.56
N GLU A 179 -7.62 -26.96 -18.77
CA GLU A 179 -6.39 -26.20 -18.94
C GLU A 179 -6.57 -24.71 -18.70
N GLU A 180 -7.64 -24.10 -19.21
CA GLU A 180 -7.84 -22.66 -19.06
C GLU A 180 -9.08 -22.30 -18.23
N GLY A 181 -9.67 -23.25 -17.51
CA GLY A 181 -10.77 -22.91 -16.63
C GLY A 181 -10.34 -22.08 -15.44
N PHE A 182 -11.30 -21.40 -14.83
CA PHE A 182 -10.98 -20.56 -13.68
C PHE A 182 -12.28 -20.22 -12.96
N LEU A 183 -12.13 -19.68 -11.75
CA LEU A 183 -13.26 -19.13 -11.02
C LEU A 183 -12.84 -17.82 -10.39
N LEU A 184 -13.80 -16.92 -10.17
CA LEU A 184 -13.54 -15.62 -9.56
C LEU A 184 -14.23 -15.57 -8.21
N LEU A 185 -13.43 -15.37 -7.15
CA LEU A 185 -13.84 -15.29 -5.76
C LEU A 185 -13.62 -13.87 -5.23
N PRO A 186 -14.58 -13.27 -4.53
CA PRO A 186 -14.33 -11.96 -3.94
C PRO A 186 -13.27 -12.05 -2.85
N ASP A 187 -12.38 -11.07 -2.80
CA ASP A 187 -11.43 -10.99 -1.69
C ASP A 187 -12.17 -10.79 -0.37
N LEU A 188 -11.64 -11.40 0.69
CA LEU A 188 -12.33 -11.40 1.97
C LEU A 188 -12.67 -10.00 2.46
N ASN A 189 -11.88 -8.99 2.10
CA ASN A 189 -12.05 -7.64 2.62
C ASN A 189 -12.92 -6.74 1.76
N TRP A 190 -13.47 -7.24 0.66
CA TRP A 190 -14.32 -6.44 -0.21
C TRP A 190 -15.77 -6.61 0.20
N ASP A 191 -16.51 -5.50 0.21
CA ASP A 191 -17.92 -5.56 0.57
C ASP A 191 -18.81 -6.10 -0.55
N ARG A 192 -18.26 -6.37 -1.74
CA ARG A 192 -18.98 -6.97 -2.86
C ARG A 192 -20.04 -6.04 -3.43
N LYS A 193 -20.09 -4.80 -2.98
CA LYS A 193 -21.06 -3.83 -3.49
C LYS A 193 -20.40 -2.59 -4.08
N THR A 194 -19.29 -2.14 -3.50
CA THR A 194 -18.58 -0.94 -3.93
C THR A 194 -17.64 -1.27 -5.09
N VAL A 195 -18.07 -0.96 -6.31
CA VAL A 195 -17.34 -1.34 -7.51
C VAL A 195 -15.92 -0.78 -7.52
N GLU A 196 -15.74 0.46 -7.05
CA GLU A 196 -14.40 1.04 -7.05
C GLU A 196 -13.46 0.42 -6.02
N ALA A 197 -13.96 -0.47 -5.16
CA ALA A 197 -13.13 -1.24 -4.25
C ALA A 197 -13.02 -2.70 -4.67
N LEU A 198 -13.40 -3.00 -5.91
CA LEU A 198 -13.44 -4.37 -6.39
C LEU A 198 -12.10 -5.07 -6.20
N HIS A 199 -12.15 -6.29 -5.68
CA HIS A 199 -10.94 -7.07 -5.50
C HIS A 199 -11.34 -8.55 -5.61
N LEU A 200 -10.95 -9.18 -6.71
CA LEU A 200 -11.31 -10.56 -6.97
C LEU A 200 -10.05 -11.41 -6.98
N LEU A 201 -10.21 -12.69 -6.64
CA LEU A 201 -9.16 -13.69 -6.72
C LEU A 201 -9.49 -14.59 -7.89
N GLY A 202 -8.61 -14.61 -8.89
CA GLY A 202 -8.77 -15.48 -10.04
C GLY A 202 -8.02 -16.78 -9.82
N ILE A 203 -8.75 -17.81 -9.42
CA ILE A 203 -8.17 -19.10 -9.05
C ILE A 203 -8.25 -20.01 -10.26
N VAL A 204 -7.08 -20.41 -10.79
CA VAL A 204 -7.08 -21.19 -12.02
C VAL A 204 -7.43 -22.65 -11.73
N GLU A 205 -8.00 -23.31 -12.74
CA GLU A 205 -8.43 -24.69 -12.56
C GLU A 205 -7.26 -25.67 -12.64
N ARG A 206 -6.31 -25.47 -13.54
CA ARG A 206 -5.17 -26.37 -13.62
C ARG A 206 -4.38 -26.32 -12.30
N ARG A 207 -3.67 -27.42 -12.00
CA ARG A 207 -3.10 -27.60 -10.67
C ARG A 207 -1.58 -27.71 -10.63
N ASP A 208 -0.92 -27.66 -11.79
CA ASP A 208 0.51 -27.91 -11.89
C ASP A 208 1.35 -26.63 -11.78
N LEU A 209 0.74 -25.45 -11.65
CA LEU A 209 1.48 -24.20 -11.52
C LEU A 209 1.37 -23.75 -10.07
N TRP A 210 2.47 -23.86 -9.31
CA TRP A 210 2.47 -23.56 -7.88
C TRP A 210 2.63 -22.07 -7.61
N SER A 211 3.31 -21.35 -8.50
CA SER A 211 3.59 -19.93 -8.35
C SER A 211 4.15 -19.44 -9.67
N LEU A 212 4.44 -18.13 -9.74
CA LEU A 212 5.02 -17.59 -10.97
C LEU A 212 6.38 -18.21 -11.27
N ARG A 213 7.07 -18.77 -10.26
CA ARG A 213 8.32 -19.49 -10.53
C ARG A 213 8.17 -20.58 -11.57
N ASP A 214 6.97 -21.14 -11.73
CA ASP A 214 6.76 -22.22 -12.71
C ASP A 214 6.54 -21.72 -14.13
N LEU A 215 6.41 -20.42 -14.35
CA LEU A 215 6.08 -19.91 -15.68
C LEU A 215 7.31 -19.85 -16.57
N LYS A 216 7.14 -20.31 -17.80
CA LYS A 216 8.20 -20.38 -18.81
C LYS A 216 7.66 -19.81 -20.11
N LYS A 217 8.55 -19.64 -21.10
CA LYS A 217 8.12 -19.10 -22.39
C LYS A 217 6.95 -19.91 -22.97
N LYS A 218 6.98 -21.24 -22.82
CA LYS A 218 5.90 -22.05 -23.36
C LYS A 218 4.54 -21.72 -22.79
N HIS A 219 4.48 -21.07 -21.62
CA HIS A 219 3.21 -20.65 -21.03
C HIS A 219 2.75 -19.28 -21.51
N LEU A 220 3.51 -18.60 -22.37
CA LEU A 220 3.06 -17.28 -22.81
C LEU A 220 1.69 -17.32 -23.47
N PRO A 221 1.40 -18.24 -24.39
CA PRO A 221 0.03 -18.27 -24.93
C PRO A 221 -1.02 -18.44 -23.84
N TRP A 222 -0.81 -19.38 -22.91
CA TRP A 222 -1.75 -19.56 -21.80
C TRP A 222 -1.93 -18.26 -21.02
N LEU A 223 -0.82 -17.55 -20.74
CA LEU A 223 -0.93 -16.31 -19.98
C LEU A 223 -1.73 -15.27 -20.74
N ARG A 224 -1.49 -15.13 -22.05
CA ARG A 224 -2.28 -14.21 -22.84
C ARG A 224 -3.76 -14.58 -22.80
N HIS A 225 -4.08 -15.87 -22.98
CA HIS A 225 -5.48 -16.29 -22.94
C HIS A 225 -6.11 -15.98 -21.59
N MET A 226 -5.40 -16.30 -20.49
CA MET A 226 -5.98 -16.10 -19.16
C MET A 226 -6.16 -14.62 -18.86
N ARG A 227 -5.20 -13.79 -19.27
CA ARG A 227 -5.37 -12.35 -19.05
C ARG A 227 -6.63 -11.83 -19.74
N GLU A 228 -6.82 -12.20 -21.01
N GLU A 228 -6.81 -12.20 -21.01
CA GLU A 228 -8.02 -11.76 -21.71
CA GLU A 228 -8.01 -11.75 -21.72
C GLU A 228 -9.27 -12.27 -21.01
C GLU A 228 -9.27 -12.27 -21.04
N LYS A 229 -9.27 -13.55 -20.66
CA LYS A 229 -10.48 -14.17 -20.14
C LYS A 229 -10.85 -13.60 -18.78
N LEU A 230 -9.87 -13.39 -17.90
CA LEU A 230 -10.18 -12.81 -16.59
C LEU A 230 -10.74 -11.42 -16.73
N ILE A 231 -10.16 -10.60 -17.61
CA ILE A 231 -10.65 -9.24 -17.79
C ILE A 231 -12.04 -9.28 -18.42
N GLU A 232 -12.21 -10.12 -19.45
CA GLU A 232 -13.51 -10.25 -20.09
C GLU A 232 -14.59 -10.64 -19.07
N ALA A 233 -14.31 -11.63 -18.22
CA ALA A 233 -15.33 -12.07 -17.29
C ALA A 233 -15.66 -10.98 -16.27
N THR A 234 -14.64 -10.29 -15.75
CA THR A 234 -14.86 -9.25 -14.76
C THR A 234 -15.72 -8.12 -15.31
N THR A 235 -15.39 -7.62 -16.51
CA THR A 235 -16.14 -6.51 -17.05
C THR A 235 -17.53 -6.94 -17.52
N LYS A 236 -17.74 -8.24 -17.76
CA LYS A 236 -19.09 -8.76 -18.02
C LYS A 236 -19.93 -8.77 -16.75
N VAL A 237 -19.36 -9.21 -15.62
CA VAL A 237 -20.15 -9.30 -14.39
C VAL A 237 -20.40 -7.93 -13.81
N TYR A 238 -19.45 -7.00 -13.97
CA TYR A 238 -19.52 -5.64 -13.44
C TYR A 238 -19.43 -4.71 -14.65
N PRO A 239 -20.55 -4.49 -15.34
CA PRO A 239 -20.48 -3.79 -16.64
C PRO A 239 -20.08 -2.33 -16.55
N THR A 240 -20.10 -1.71 -15.38
CA THR A 240 -19.61 -0.33 -15.30
C THR A 240 -18.09 -0.25 -15.18
N VAL A 241 -17.39 -1.40 -15.22
CA VAL A 241 -15.93 -1.43 -15.12
C VAL A 241 -15.40 -1.74 -16.51
N GLU A 242 -14.51 -0.88 -17.01
CA GLU A 242 -13.80 -1.07 -18.27
C GLU A 242 -12.49 -1.80 -18.04
N ALA A 243 -11.94 -2.36 -19.13
CA ALA A 243 -10.65 -3.04 -19.03
C ALA A 243 -9.56 -2.13 -18.45
N ASP A 244 -9.51 -0.88 -18.87
CA ASP A 244 -8.44 -0.05 -18.38
C ASP A 244 -8.71 0.48 -16.98
N GLN A 245 -9.68 -0.11 -16.28
CA GLN A 245 -9.89 0.19 -14.87
C GLN A 245 -9.56 -0.99 -13.96
N LEU A 246 -8.85 -2.00 -14.49
CA LEU A 246 -8.44 -3.18 -13.73
C LEU A 246 -6.92 -3.35 -13.80
N LYS A 247 -6.34 -3.84 -12.70
CA LYS A 247 -4.96 -4.31 -12.63
C LYS A 247 -4.93 -5.77 -12.22
N LEU A 248 -4.12 -6.57 -12.89
CA LEU A 248 -3.96 -7.98 -12.55
C LEU A 248 -2.55 -8.21 -12.03
N TYR A 249 -2.42 -8.92 -10.90
CA TYR A 249 -1.10 -9.16 -10.37
C TYR A 249 -1.05 -10.49 -9.62
N LEU A 250 0.18 -10.94 -9.38
CA LEU A 250 0.49 -12.17 -8.69
C LEU A 250 1.23 -11.81 -7.40
N HIS A 251 1.15 -12.67 -6.38
CA HIS A 251 1.97 -12.50 -5.18
C HIS A 251 3.23 -13.34 -5.27
N TYR A 252 4.36 -12.76 -4.85
CA TYR A 252 5.59 -13.53 -4.62
C TYR A 252 6.36 -12.87 -3.48
N GLN A 253 6.59 -13.59 -2.37
CA GLN A 253 6.05 -14.93 -2.13
C GLN A 253 4.55 -14.95 -2.07
N PRO A 254 3.95 -15.98 -2.62
CA PRO A 254 2.49 -16.11 -2.53
C PRO A 254 2.08 -16.50 -1.13
N THR A 255 0.83 -16.22 -0.81
CA THR A 255 0.31 -16.73 0.45
C THR A 255 -0.09 -18.21 0.36
N TYR A 256 -0.36 -18.76 -0.83
CA TYR A 256 -0.52 -20.21 -0.94
C TYR A 256 -0.07 -20.67 -2.32
N TYR A 257 0.26 -21.96 -2.43
CA TYR A 257 1.08 -22.45 -3.54
C TYR A 257 0.22 -23.12 -4.63
N HIS A 258 -0.75 -22.32 -5.09
CA HIS A 258 -1.57 -22.61 -6.27
C HIS A 258 -1.74 -21.29 -7.02
N LEU A 259 -1.24 -21.22 -8.26
CA LEU A 259 -1.27 -19.98 -9.03
C LEU A 259 -2.62 -19.30 -8.94
N ASN A 260 -2.63 -18.02 -8.57
CA ASN A 260 -3.89 -17.28 -8.51
C ASN A 260 -3.60 -15.82 -8.83
N ILE A 261 -4.51 -15.21 -9.57
CA ILE A 261 -4.31 -13.87 -10.12
C ILE A 261 -5.27 -12.91 -9.43
N HIS A 262 -4.72 -11.92 -8.73
CA HIS A 262 -5.54 -10.84 -8.18
C HIS A 262 -6.02 -9.88 -9.26
N ILE A 263 -7.30 -9.51 -9.17
CA ILE A 263 -7.93 -8.52 -10.05
C ILE A 263 -8.46 -7.40 -9.15
N VAL A 264 -7.93 -6.19 -9.33
CA VAL A 264 -8.36 -5.06 -8.51
C VAL A 264 -8.76 -3.90 -9.42
N HIS A 265 -9.78 -3.15 -8.99
CA HIS A 265 -10.10 -1.87 -9.60
C HIS A 265 -8.93 -0.90 -9.40
N VAL A 266 -8.64 -0.10 -10.43
CA VAL A 266 -7.58 0.90 -10.29
C VAL A 266 -7.89 1.90 -9.20
N GLN A 267 -9.17 2.11 -8.85
CA GLN A 267 -9.47 3.08 -7.81
C GLN A 267 -9.29 2.50 -6.40
N LEU A 268 -9.08 1.20 -6.26
CA LEU A 268 -8.96 0.61 -4.93
C LEU A 268 -7.71 1.14 -4.21
N GLU A 269 -7.88 1.62 -2.98
CA GLU A 269 -6.73 2.07 -2.21
C GLU A 269 -5.71 0.95 -2.05
N ALA A 270 -4.46 1.25 -2.40
CA ALA A 270 -3.40 0.25 -2.40
C ALA A 270 -2.92 -0.01 -0.98
N GLY A 271 -2.84 -1.28 -0.59
CA GLY A 271 -2.27 -1.65 0.69
C GLY A 271 -1.13 -2.63 0.53
N ALA A 272 -0.86 -3.41 1.58
CA ALA A 272 0.26 -4.37 1.52
C ALA A 272 0.09 -5.34 0.37
N THR A 273 -1.14 -5.69 0.00
CA THR A 273 -1.34 -6.71 -1.01
C THR A 273 -0.79 -6.26 -2.37
N GLN A 274 -0.69 -4.95 -2.61
CA GLN A 274 -0.23 -4.39 -3.87
C GLN A 274 1.22 -3.90 -3.84
N ALA A 275 1.88 -4.01 -2.70
CA ALA A 275 3.16 -3.33 -2.50
C ALA A 275 4.30 -4.04 -3.23
N THR A 276 5.27 -3.24 -3.67
CA THR A 276 6.53 -3.78 -4.15
C THR A 276 7.12 -4.71 -3.10
N GLY A 277 7.71 -5.82 -3.56
CA GLY A 277 8.17 -6.86 -2.67
C GLY A 277 7.12 -7.89 -2.34
N LYS A 278 5.90 -7.74 -2.87
CA LYS A 278 4.82 -8.71 -2.66
C LYS A 278 4.04 -8.93 -3.96
N ALA A 279 3.52 -7.85 -4.55
CA ALA A 279 2.74 -7.94 -5.79
C ALA A 279 3.66 -7.79 -6.99
N VAL A 280 3.42 -8.64 -8.00
CA VAL A 280 4.14 -8.56 -9.28
C VAL A 280 3.10 -8.44 -10.40
N GLY A 281 3.16 -7.37 -11.18
CA GLY A 281 2.16 -7.19 -12.23
C GLY A 281 2.19 -8.33 -13.22
N LEU A 282 1.00 -8.77 -13.64
CA LEU A 282 0.92 -9.88 -14.58
C LEU A 282 1.61 -9.55 -15.90
N GLU A 283 1.40 -8.35 -16.43
CA GLU A 283 2.06 -7.97 -17.68
C GLU A 283 3.57 -7.87 -17.49
N SER A 284 4.03 -7.55 -16.27
CA SER A 284 5.46 -7.47 -16.03
C SER A 284 6.11 -8.86 -16.12
N VAL A 285 5.42 -9.89 -15.62
CA VAL A 285 5.94 -11.25 -15.75
C VAL A 285 5.94 -11.68 -17.21
N MET A 286 4.86 -11.37 -17.92
CA MET A 286 4.78 -11.75 -19.33
C MET A 286 5.91 -11.12 -20.14
N GLU A 287 6.19 -9.83 -19.88
CA GLU A 287 7.27 -9.15 -20.58
C GLU A 287 8.62 -9.74 -20.21
N GLN A 288 8.85 -10.10 -18.95
CA GLN A 288 10.11 -10.75 -18.60
C GLN A 288 10.28 -12.08 -19.31
N LEU A 289 9.19 -12.86 -19.48
CA LEU A 289 9.33 -14.10 -20.23
C LEU A 289 9.54 -13.83 -21.71
N GLU A 290 8.79 -12.86 -22.25
CA GLU A 290 8.88 -12.53 -23.67
C GLU A 290 10.32 -12.19 -24.08
N HIS A 291 11.02 -11.40 -23.28
CA HIS A 291 12.31 -10.87 -23.68
C HIS A 291 13.48 -11.61 -23.06
N MET A 292 13.23 -12.69 -22.33
CA MET A 292 14.31 -13.41 -21.66
C MET A 292 15.22 -14.09 -22.67
N HIS A 293 16.52 -14.08 -22.39
CA HIS A 293 17.53 -14.55 -23.33
C HIS A 293 17.42 -16.06 -23.54
N VAL A 294 17.56 -16.49 -24.79
CA VAL A 294 17.55 -17.91 -25.14
C VAL A 294 18.97 -18.28 -25.55
N GLY A 295 19.64 -19.10 -24.75
CA GLY A 295 21.02 -19.46 -25.01
C GLY A 295 21.14 -20.58 -26.02
N PRO A 296 22.39 -20.88 -26.39
CA PRO A 296 22.62 -21.91 -27.42
C PRO A 296 22.12 -23.28 -27.01
N GLU A 297 22.16 -23.59 -25.72
CA GLU A 297 21.71 -24.88 -25.22
C GLU A 297 20.22 -24.92 -24.90
N ASP A 298 19.48 -23.85 -25.19
CA ASP A 298 18.08 -23.72 -24.80
C ASP A 298 17.10 -24.12 -25.90
N GLY A 299 17.60 -24.63 -27.03
CA GLY A 299 16.69 -25.05 -28.08
C GLY A 299 15.81 -23.90 -28.55
N ASP A 300 14.51 -24.17 -28.70
CA ASP A 300 13.57 -23.15 -29.11
C ASP A 300 13.19 -22.20 -27.98
N GLY A 301 13.73 -22.41 -26.77
CA GLY A 301 13.45 -21.53 -25.65
C GLY A 301 12.24 -21.89 -24.80
N SER A 302 11.54 -22.98 -25.13
CA SER A 302 10.26 -23.30 -24.47
C SER A 302 10.37 -23.39 -22.96
N ASP A 303 11.51 -23.84 -22.45
CA ASP A 303 11.68 -24.06 -21.01
C ASP A 303 12.49 -22.97 -20.33
N VAL A 304 12.71 -21.85 -21.01
CA VAL A 304 13.32 -20.67 -20.37
C VAL A 304 12.24 -19.92 -19.60
N GLY A 305 12.50 -19.62 -18.34
CA GLY A 305 11.45 -19.00 -17.55
C GLY A 305 11.94 -18.40 -16.24
N MET A 306 10.96 -18.07 -15.40
CA MET A 306 11.19 -17.34 -14.17
C MET A 306 12.04 -18.10 -13.15
N ASP A 307 12.26 -19.41 -13.31
CA ASP A 307 13.13 -20.04 -12.32
C ASP A 307 14.60 -19.69 -12.52
N ARG A 308 14.95 -18.93 -13.55
CA ARG A 308 16.33 -18.47 -13.76
C ARG A 308 16.62 -17.12 -13.11
N VAL A 309 15.62 -16.46 -12.56
CA VAL A 309 15.70 -15.08 -12.12
C VAL A 309 15.96 -15.05 -10.61
N THR A 310 16.62 -13.98 -10.16
CA THR A 310 16.67 -13.69 -8.73
C THR A 310 15.49 -12.82 -8.36
N MET A 311 14.73 -13.22 -7.33
CA MET A 311 13.55 -12.51 -6.87
C MET A 311 13.82 -11.98 -5.47
N CYS A 312 13.51 -10.70 -5.24
CA CYS A 312 13.67 -10.08 -3.92
C CYS A 312 12.29 -9.68 -3.41
N TYR A 313 12.01 -10.00 -2.15
CA TYR A 313 10.66 -9.86 -1.64
C TYR A 313 10.70 -9.81 -0.13
N THR A 314 9.59 -9.42 0.47
CA THR A 314 9.49 -9.32 1.92
C THR A 314 8.95 -10.62 2.51
N LEU A 315 9.39 -10.92 3.74
CA LEU A 315 8.88 -12.02 4.56
C LEU A 315 8.69 -11.52 5.98
N GLY A 316 7.68 -12.05 6.67
CA GLY A 316 7.53 -11.80 8.10
C GLY A 316 8.50 -12.64 8.92
N GLU A 317 8.93 -12.10 10.05
CA GLU A 317 9.92 -12.87 10.83
C GLU A 317 9.33 -14.11 11.51
N ALA A 318 8.01 -14.23 11.59
CA ALA A 318 7.43 -15.47 12.09
C ALA A 318 7.16 -16.50 11.00
N SER A 319 7.47 -16.18 9.74
CA SER A 319 7.18 -17.10 8.65
C SER A 319 8.15 -18.29 8.65
N ASP A 320 7.67 -19.42 8.12
CA ASP A 320 8.53 -20.60 7.98
C ASP A 320 9.78 -20.27 7.18
N LEU A 321 9.61 -19.57 6.04
CA LEU A 321 10.75 -19.32 5.15
C LEU A 321 11.81 -18.46 5.82
N TRP A 322 11.40 -17.49 6.63
CA TRP A 322 12.41 -16.73 7.36
C TRP A 322 13.08 -17.59 8.43
N VAL A 323 12.28 -18.29 9.24
CA VAL A 323 12.85 -19.02 10.36
C VAL A 323 13.75 -20.17 9.88
N ASP A 324 13.33 -20.90 8.84
CA ASP A 324 14.01 -22.13 8.45
C ASP A 324 15.01 -21.97 7.31
N VAL A 325 14.91 -20.92 6.49
CA VAL A 325 15.76 -20.80 5.31
C VAL A 325 16.62 -19.54 5.37
N PHE A 326 15.98 -18.37 5.37
CA PHE A 326 16.72 -17.13 5.12
C PHE A 326 17.45 -16.63 6.36
N GLU A 327 16.86 -16.73 7.54
CA GLU A 327 17.61 -16.34 8.73
C GLU A 327 18.84 -17.23 8.93
N PRO A 328 18.74 -18.56 8.83
CA PRO A 328 19.96 -19.38 8.90
C PRO A 328 20.99 -19.06 7.82
N LEU A 329 20.57 -18.85 6.57
CA LEU A 329 21.52 -18.45 5.53
C LEU A 329 22.19 -17.12 5.89
N LYS A 330 21.41 -16.18 6.43
CA LYS A 330 21.97 -14.91 6.88
C LYS A 330 23.00 -15.13 7.99
N ARG A 331 22.68 -15.96 8.97
CA ARG A 331 23.62 -16.20 10.06
C ARG A 331 24.88 -16.89 9.56
N LYS A 332 24.73 -17.89 8.69
CA LYS A 332 25.91 -18.60 8.19
C LYS A 332 26.80 -17.67 7.39
N LYS A 333 26.22 -16.70 6.69
CA LYS A 333 27.05 -15.78 5.92
C LYS A 333 27.79 -14.81 6.84
N GLN A 334 27.21 -14.48 7.99
CA GLN A 334 27.79 -13.53 8.94
C GLN A 334 28.74 -14.22 9.91
N ALA A 335 29.52 -15.20 9.44
CA ALA A 335 30.38 -15.97 10.32
C ALA A 335 31.64 -16.45 9.59
N MET B 3 -0.66 33.43 22.07
CA MET B 3 -1.83 32.69 22.52
C MET B 3 -3.12 33.28 21.98
N ASP B 4 -3.08 34.55 21.58
CA ASP B 4 -4.24 35.13 20.94
C ASP B 4 -4.46 34.55 19.54
N ALA B 5 -3.37 34.34 18.79
CA ALA B 5 -3.50 33.72 17.48
C ALA B 5 -3.98 32.28 17.60
N LYS B 6 -3.58 31.60 18.67
CA LYS B 6 -4.06 30.24 18.90
C LYS B 6 -5.56 30.21 19.12
N ARG B 7 -6.07 31.13 19.95
CA ARG B 7 -7.50 31.20 20.20
C ARG B 7 -8.25 31.69 18.95
N SER B 8 -7.65 32.61 18.19
CA SER B 8 -8.26 33.10 16.96
C SER B 8 -8.47 31.97 15.96
N ALA B 9 -7.43 31.16 15.73
CA ALA B 9 -7.58 30.03 14.82
C ALA B 9 -8.59 29.00 15.34
N GLU B 10 -8.66 28.82 16.66
CA GLU B 10 -9.66 27.90 17.21
C GLU B 10 -11.08 28.40 16.97
N ALA B 11 -11.29 29.73 16.95
CA ALA B 11 -12.62 30.25 16.68
C ALA B 11 -13.10 29.93 15.26
N LEU B 12 -12.19 29.68 14.31
CA LEU B 12 -12.61 29.38 12.93
C LEU B 12 -13.45 28.12 12.84
N VAL B 13 -13.04 27.05 13.53
CA VAL B 13 -13.59 25.72 13.27
C VAL B 13 -15.10 25.68 13.49
N PRO B 14 -15.65 26.15 14.62
CA PRO B 14 -17.10 26.06 14.83
C PRO B 14 -17.92 26.90 13.87
N ARG B 15 -17.31 27.79 13.09
CA ARG B 15 -18.05 28.56 12.09
C ARG B 15 -18.12 27.85 10.75
N PHE B 16 -17.48 26.69 10.61
CA PHE B 16 -17.47 25.99 9.34
C PHE B 16 -18.88 25.52 8.97
N GLN B 17 -19.28 25.82 7.74
CA GLN B 17 -20.58 25.41 7.19
C GLN B 17 -20.33 24.38 6.10
N PHE B 18 -20.64 23.12 6.39
CA PHE B 18 -20.41 22.03 5.45
C PHE B 18 -21.25 22.19 4.18
N GLU B 19 -20.63 21.96 3.03
CA GLU B 19 -21.34 21.88 1.76
C GLU B 19 -21.32 20.48 1.15
N ARG B 20 -20.14 19.89 0.97
CA ARG B 20 -20.10 18.57 0.33
C ARG B 20 -18.79 17.88 0.68
N LEU B 21 -18.82 16.55 0.59
CA LEU B 21 -17.62 15.74 0.81
C LEU B 21 -16.81 15.69 -0.48
N LEU B 22 -15.54 16.11 -0.42
CA LEU B 22 -14.69 16.06 -1.61
C LEU B 22 -14.06 14.70 -1.79
N ASN B 23 -13.74 14.03 -0.70
CA ASN B 23 -13.05 12.76 -0.78
C ASN B 23 -13.02 12.12 0.59
N GLN B 24 -13.05 10.79 0.61
CA GLN B 24 -12.84 10.01 1.81
C GLN B 24 -11.89 8.88 1.44
N ASP B 25 -10.77 8.80 2.16
CA ASP B 25 -9.74 7.80 1.86
C ASP B 25 -9.11 7.35 3.19
N GLN B 26 -7.97 6.66 3.08
CA GLN B 26 -7.27 6.08 4.21
C GLN B 26 -8.19 5.13 4.99
N ALA B 27 -8.86 4.24 4.26
CA ALA B 27 -9.75 3.25 4.84
C ALA B 27 -10.91 3.92 5.57
N GLY B 28 -11.37 5.05 5.02
CA GLY B 28 -12.46 5.79 5.60
C GLY B 28 -12.10 6.71 6.76
N ARG B 29 -10.85 6.70 7.23
CA ARG B 29 -10.45 7.49 8.38
C ARG B 29 -9.90 8.87 8.02
N ARG B 30 -10.05 9.31 6.78
CA ARG B 30 -9.77 10.70 6.43
C ARG B 30 -10.85 11.19 5.48
N SER B 31 -11.53 12.27 5.87
CA SER B 31 -12.58 12.88 5.06
C SER B 31 -12.24 14.33 4.79
N ALA B 32 -12.30 14.72 3.53
CA ALA B 32 -12.00 16.09 3.12
C ALA B 32 -13.32 16.79 2.83
N LEU B 33 -13.71 17.72 3.69
CA LEU B 33 -14.98 18.42 3.60
C LEU B 33 -14.81 19.80 2.99
N TYR B 34 -15.72 20.15 2.08
CA TYR B 34 -15.74 21.48 1.48
C TYR B 34 -16.90 22.26 2.04
N GLY B 35 -16.68 23.53 2.35
CA GLY B 35 -17.78 24.34 2.84
C GLY B 35 -17.43 25.80 2.85
N ALA B 36 -17.91 26.54 3.84
CA ALA B 36 -17.65 27.97 3.91
C ALA B 36 -17.48 28.40 5.35
N ILE B 37 -16.67 29.43 5.53
CA ILE B 37 -16.55 30.14 6.80
C ILE B 37 -16.67 31.62 6.48
N ASP B 38 -17.57 32.32 7.18
CA ASP B 38 -17.75 33.75 6.96
C ASP B 38 -17.99 34.07 5.49
N GLY B 39 -18.74 33.20 4.81
CA GLY B 39 -19.06 33.44 3.41
C GLY B 39 -17.91 33.29 2.44
N GLN B 40 -16.86 32.57 2.78
CA GLN B 40 -15.76 32.31 1.86
C GLN B 40 -15.42 30.82 1.88
N PRO B 41 -14.86 30.31 0.78
CA PRO B 41 -14.61 28.86 0.70
C PRO B 41 -13.65 28.41 1.80
N ALA B 42 -13.95 27.23 2.36
CA ALA B 42 -13.16 26.63 3.42
C ALA B 42 -13.04 25.13 3.16
N LEU B 43 -11.85 24.58 3.42
CA LEU B 43 -11.60 23.17 3.21
C LEU B 43 -11.17 22.58 4.54
N LEU B 44 -12.00 21.72 5.11
CA LEU B 44 -11.74 21.13 6.42
C LEU B 44 -11.47 19.63 6.25
N ILE B 45 -10.29 19.19 6.66
CA ILE B 45 -9.89 17.79 6.50
C ILE B 45 -9.93 17.13 7.89
N LEU B 46 -10.85 16.19 8.08
CA LEU B 46 -10.95 15.43 9.33
C LEU B 46 -10.15 14.14 9.23
N GLU B 47 -9.34 13.83 10.26
CA GLU B 47 -8.57 12.59 10.33
C GLU B 47 -8.79 11.94 11.68
N ARG B 48 -8.96 10.63 11.70
CA ARG B 48 -8.88 9.93 12.98
C ARG B 48 -7.43 10.01 13.49
N ALA B 49 -7.26 10.42 14.74
CA ALA B 49 -5.92 10.47 15.31
C ALA B 49 -5.40 9.05 15.61
N PRO B 50 -4.09 8.85 15.60
CA PRO B 50 -3.58 7.58 16.12
C PRO B 50 -3.95 7.46 17.59
N PHE B 51 -3.99 6.21 18.05
CA PHE B 51 -4.23 5.97 19.47
C PHE B 51 -3.01 6.35 20.28
N PRO B 52 -3.19 7.00 21.43
CA PRO B 52 -2.07 7.21 22.35
C PRO B 52 -1.46 5.88 22.76
N THR B 53 -0.17 5.90 23.08
CA THR B 53 0.45 4.75 23.73
C THR B 53 0.52 4.92 25.23
N SER B 54 0.16 6.09 25.75
CA SER B 54 0.16 6.33 27.20
C SER B 54 -0.64 5.25 27.92
N THR B 55 -0.08 4.76 29.03
CA THR B 55 -0.83 3.84 29.88
C THR B 55 -2.07 4.52 30.46
N ALA B 56 -2.00 5.83 30.70
CA ALA B 56 -3.17 6.55 31.20
C ALA B 56 -4.33 6.48 30.21
N TYR B 57 -4.03 6.41 28.91
CA TYR B 57 -5.10 6.24 27.93
C TYR B 57 -5.49 4.77 27.78
N LEU B 58 -4.52 3.93 27.45
CA LEU B 58 -4.80 2.52 27.15
C LEU B 58 -5.38 1.80 28.36
N GLY B 59 -4.96 2.17 29.57
CA GLY B 59 -5.52 1.49 30.73
C GLY B 59 -6.90 1.94 31.14
N ARG B 60 -7.46 2.98 30.49
CA ARG B 60 -8.79 3.50 30.82
C ARG B 60 -9.75 3.52 29.64
N ALA B 61 -9.27 3.29 28.42
CA ALA B 61 -10.13 3.46 27.25
C ALA B 61 -11.36 2.56 27.32
N ALA B 62 -11.18 1.29 27.70
CA ALA B 62 -12.29 0.34 27.77
C ALA B 62 -13.23 0.60 28.94
N ASN B 63 -12.80 1.35 29.95
CA ASN B 63 -13.59 1.49 31.17
C ASN B 63 -14.28 2.85 31.28
N THR B 64 -14.15 3.71 30.26
CA THR B 64 -14.69 5.06 30.31
C THR B 64 -15.50 5.40 29.05
N LEU B 65 -15.87 4.38 28.28
CA LEU B 65 -16.59 4.64 27.02
C LEU B 65 -17.89 5.38 27.31
N ARG B 66 -18.22 6.36 26.47
CA ARG B 66 -19.49 7.03 26.69
C ARG B 66 -20.65 6.30 26.00
N ALA B 67 -20.37 5.30 25.18
CA ALA B 67 -21.41 4.50 24.55
C ALA B 67 -20.79 3.21 24.04
N LEU B 68 -21.55 2.13 24.08
CA LEU B 68 -21.04 0.82 23.67
C LEU B 68 -22.19 -0.05 23.18
N THR B 69 -22.07 -0.59 21.98
CA THR B 69 -23.08 -1.48 21.41
C THR B 69 -22.41 -2.73 20.89
N ASN B 70 -22.82 -3.88 21.41
CA ASN B 70 -22.35 -5.16 20.88
C ASN B 70 -23.07 -5.45 19.58
N LEU B 71 -22.30 -5.75 18.53
CA LEU B 71 -22.89 -6.10 17.26
C LEU B 71 -23.08 -7.60 17.13
N GLY B 72 -22.15 -8.37 17.66
CA GLY B 72 -22.26 -9.82 17.60
C GLY B 72 -21.24 -10.48 18.50
N ALA B 73 -21.37 -11.79 18.60
CA ALA B 73 -20.45 -12.62 19.35
C ALA B 73 -20.54 -14.03 18.81
N ASN B 74 -19.43 -14.76 18.95
CA ASN B 74 -19.33 -16.15 18.50
C ASN B 74 -18.30 -16.82 19.40
N ASP B 75 -18.77 -17.60 20.37
CA ASP B 75 -17.87 -18.27 21.31
C ASP B 75 -17.02 -17.23 22.05
N ILE B 76 -15.71 -17.18 21.84
CA ILE B 76 -14.86 -16.24 22.55
C ILE B 76 -14.71 -14.90 21.80
N TYR B 77 -15.37 -14.73 20.67
CA TYR B 77 -15.23 -13.54 19.84
C TYR B 77 -16.41 -12.61 20.05
N HIS B 78 -16.12 -11.32 20.25
CA HIS B 78 -17.14 -10.30 20.46
C HIS B 78 -16.73 -9.05 19.69
N TRP B 79 -17.68 -8.40 19.02
CA TRP B 79 -17.36 -7.17 18.30
C TRP B 79 -18.43 -6.11 18.56
N TYR B 80 -17.98 -4.86 18.61
CA TYR B 80 -18.80 -3.75 19.11
C TYR B 80 -18.53 -2.49 18.29
N LEU B 81 -19.46 -1.53 18.43
CA LEU B 81 -19.23 -0.12 18.13
C LEU B 81 -19.26 0.67 19.43
N ALA B 82 -18.51 1.77 19.46
CA ALA B 82 -18.39 2.50 20.73
C ALA B 82 -17.99 3.94 20.46
N SER B 83 -18.18 4.77 21.48
CA SER B 83 -17.77 6.17 21.49
C SER B 83 -16.88 6.43 22.69
N SER B 84 -15.75 7.11 22.47
CA SER B 84 -14.76 7.35 23.53
C SER B 84 -15.28 8.33 24.58
N GLY B 85 -14.98 8.04 25.85
CA GLY B 85 -15.21 9.01 26.91
C GLY B 85 -14.05 9.98 27.04
N VAL B 86 -14.15 10.86 28.02
CA VAL B 86 -13.11 11.85 28.27
C VAL B 86 -12.05 11.22 29.14
N ILE B 87 -10.79 11.25 28.68
CA ILE B 87 -9.67 10.81 29.51
C ILE B 87 -8.68 11.96 29.61
N GLU B 88 -8.40 12.41 30.82
CA GLU B 88 -7.50 13.54 30.99
C GLU B 88 -6.05 13.07 30.86
N ILE B 89 -5.22 13.92 30.26
CA ILE B 89 -3.80 13.62 30.13
C ILE B 89 -3.10 13.90 31.45
N PRO B 90 -2.32 12.96 31.99
CA PRO B 90 -1.68 13.20 33.31
C PRO B 90 -0.63 14.31 33.24
N VAL B 91 -0.41 14.92 34.40
CA VAL B 91 0.46 16.09 34.48
C VAL B 91 1.82 15.82 33.87
N GLU B 92 2.37 14.61 34.09
CA GLU B 92 3.72 14.36 33.60
C GLU B 92 3.76 14.13 32.10
N GLU B 93 2.63 14.18 31.39
CA GLU B 93 2.64 14.05 29.95
C GLU B 93 2.12 15.29 29.24
N SER B 94 1.68 16.30 29.98
CA SER B 94 1.07 17.48 29.39
C SER B 94 1.87 18.72 29.77
N GLU B 95 2.10 19.59 28.79
CA GLU B 95 2.65 20.90 29.11
C GLU B 95 1.59 21.77 29.79
N GLY B 96 0.37 21.75 29.25
CA GLY B 96 -0.72 22.51 29.81
C GLY B 96 -1.44 21.75 30.92
N THR B 97 -2.60 22.29 31.28
CA THR B 97 -3.46 21.72 32.31
C THR B 97 -4.84 21.48 31.71
N ASP B 98 -5.54 20.50 32.29
CA ASP B 98 -6.91 20.19 31.88
C ASP B 98 -6.98 19.86 30.38
N ASP B 99 -6.00 19.12 29.89
CA ASP B 99 -6.06 18.61 28.53
C ASP B 99 -6.60 17.18 28.60
N GLU B 100 -7.31 16.78 27.55
CA GLU B 100 -7.77 15.41 27.40
C GLU B 100 -7.13 14.83 26.15
N PHE B 101 -7.06 13.49 26.10
CA PHE B 101 -6.57 12.84 24.89
C PHE B 101 -7.51 13.14 23.73
N ALA B 102 -6.92 13.42 22.56
CA ALA B 102 -7.65 13.85 21.38
C ALA B 102 -7.88 12.66 20.45
N ASP B 103 -9.09 12.59 19.87
CA ASP B 103 -9.36 11.51 18.93
C ASP B 103 -9.34 11.97 17.47
N LEU B 104 -9.22 13.27 17.23
CA LEU B 104 -9.24 13.82 15.88
C LEU B 104 -8.03 14.71 15.65
N LYS B 105 -7.53 14.67 14.42
CA LYS B 105 -6.66 15.69 13.87
C LYS B 105 -7.44 16.45 12.81
N ILE B 106 -7.31 17.78 12.80
CA ILE B 106 -8.06 18.61 11.88
C ILE B 106 -7.08 19.54 11.17
N ASN B 107 -7.19 19.60 9.85
CA ASN B 107 -6.51 20.61 9.04
C ASN B 107 -7.57 21.47 8.37
N LEU B 108 -7.44 22.78 8.51
CA LEU B 108 -8.38 23.72 7.92
C LEU B 108 -7.58 24.62 6.98
N ILE B 109 -7.96 24.62 5.71
CA ILE B 109 -7.41 25.55 4.72
C ILE B 109 -8.45 26.65 4.50
N TYR B 110 -8.11 27.88 4.88
CA TYR B 110 -9.11 28.96 4.83
C TYR B 110 -8.44 30.32 4.75
N PRO B 111 -8.79 31.18 3.77
CA PRO B 111 -9.68 30.82 2.66
C PRO B 111 -8.99 29.83 1.71
N CYS B 112 -9.70 28.85 1.16
CA CYS B 112 -9.09 27.95 0.20
C CYS B 112 -9.43 28.39 -1.22
N THR B 113 -8.71 27.83 -2.19
CA THR B 113 -8.93 28.14 -3.60
C THR B 113 -9.29 26.87 -4.35
N GLU B 114 -9.50 27.04 -5.65
CA GLU B 114 -9.82 25.90 -6.50
C GLU B 114 -8.65 24.93 -6.59
N LYS B 115 -7.42 25.44 -6.42
CA LYS B 115 -6.26 24.55 -6.39
C LYS B 115 -6.35 23.55 -5.24
N HIS B 116 -6.80 24.00 -4.07
CA HIS B 116 -6.91 23.08 -2.94
C HIS B 116 -8.06 22.10 -3.16
N VAL B 117 -9.18 22.57 -3.69
CA VAL B 117 -10.30 21.67 -3.98
C VAL B 117 -9.83 20.55 -4.92
N LYS B 118 -9.13 20.92 -6.00
CA LYS B 118 -8.63 19.91 -6.93
C LYS B 118 -7.70 18.94 -6.23
N LYS B 119 -6.77 19.47 -5.42
CA LYS B 119 -5.79 18.60 -4.78
C LYS B 119 -6.47 17.53 -3.91
N TYR B 120 -7.54 17.89 -3.20
CA TYR B 120 -8.10 16.98 -2.23
C TYR B 120 -9.35 16.26 -2.72
N SER B 121 -9.77 16.52 -3.96
CA SER B 121 -10.90 15.80 -4.53
C SER B 121 -10.48 14.43 -5.05
N LYS B 122 -11.42 13.50 -5.06
CA LYS B 122 -11.20 12.18 -5.62
C LYS B 122 -10.82 12.31 -7.09
N GLN B 123 -9.83 11.54 -7.53
CA GLN B 123 -9.39 11.60 -8.91
C GLN B 123 -9.52 10.25 -9.60
N GLY B 124 -10.06 10.24 -10.82
CA GLY B 124 -10.14 9.01 -11.57
C GLY B 124 -8.77 8.51 -11.99
N VAL B 125 -8.65 7.18 -12.04
CA VAL B 125 -7.42 6.48 -12.38
C VAL B 125 -7.67 5.60 -13.59
N ARG B 126 -6.64 5.44 -14.42
CA ARG B 126 -6.67 4.51 -15.54
C ARG B 126 -5.38 3.71 -15.58
N PHE B 127 -5.49 2.50 -16.08
CA PHE B 127 -4.34 1.62 -16.27
C PHE B 127 -4.05 1.57 -17.75
N VAL B 128 -2.86 2.01 -18.16
CA VAL B 128 -2.55 2.16 -19.57
C VAL B 128 -1.43 1.20 -19.95
N THR B 129 -1.31 0.97 -21.27
CA THR B 129 -0.30 0.10 -21.85
C THR B 129 0.63 0.93 -22.73
N GLU B 130 1.88 1.06 -22.31
CA GLU B 130 2.86 1.85 -23.03
C GLU B 130 3.81 0.88 -23.74
N THR B 131 3.52 0.59 -25.01
CA THR B 131 4.44 -0.20 -25.81
C THR B 131 5.71 0.60 -26.09
N PRO B 132 6.77 -0.06 -26.57
CA PRO B 132 7.98 0.70 -26.99
C PRO B 132 7.67 1.76 -28.01
N GLU B 133 6.73 1.49 -28.92
CA GLU B 133 6.38 2.44 -29.97
C GLU B 133 5.69 3.68 -29.37
N ILE B 134 4.82 3.48 -28.37
CA ILE B 134 4.15 4.63 -27.76
C ILE B 134 5.15 5.42 -26.93
N TYR B 135 6.10 4.75 -26.30
CA TYR B 135 7.15 5.48 -25.58
C TYR B 135 7.95 6.33 -26.56
N ARG B 136 8.33 5.74 -27.69
CA ARG B 136 9.13 6.45 -28.69
C ARG B 136 8.37 7.65 -29.26
N ASP B 137 7.13 7.42 -29.71
CA ASP B 137 6.42 8.44 -30.48
C ASP B 137 5.75 9.50 -29.61
N TYR B 138 5.36 9.18 -28.38
CA TYR B 138 4.54 10.12 -27.61
C TYR B 138 5.08 10.43 -26.23
N VAL B 139 5.51 9.41 -25.49
CA VAL B 139 5.82 9.65 -24.08
C VAL B 139 7.19 10.28 -23.92
N ARG B 140 8.22 9.74 -24.59
CA ARG B 140 9.54 10.34 -24.48
C ARG B 140 9.55 11.78 -24.99
N PRO B 141 8.91 12.13 -26.11
CA PRO B 141 8.81 13.55 -26.47
C PRO B 141 8.16 14.39 -25.39
N TYR B 142 7.16 13.84 -24.68
CA TYR B 142 6.56 14.57 -23.58
C TYR B 142 7.57 14.81 -22.46
N MET B 143 8.32 13.75 -22.08
CA MET B 143 9.37 13.92 -21.08
C MET B 143 10.37 14.98 -21.52
N GLN B 144 10.79 14.94 -22.79
CA GLN B 144 11.76 15.93 -23.26
C GLN B 144 11.23 17.34 -23.10
N ALA B 145 9.99 17.58 -23.53
CA ALA B 145 9.44 18.93 -23.43
C ALA B 145 9.35 19.38 -21.98
N GLN B 146 9.01 18.46 -21.07
CA GLN B 146 8.99 18.82 -19.66
C GLN B 146 10.37 19.25 -19.19
N ARG B 147 11.41 18.51 -19.60
CA ARG B 147 12.75 18.89 -19.20
C ARG B 147 13.18 20.21 -19.85
N GLU B 148 12.86 20.38 -21.14
CA GLU B 148 13.20 21.60 -21.84
C GLU B 148 12.51 22.81 -21.23
N ALA B 149 11.28 22.61 -20.75
CA ALA B 149 10.51 23.68 -20.11
C ALA B 149 11.11 24.12 -18.79
N GLY B 150 12.05 23.38 -18.25
CA GLY B 150 12.66 23.74 -16.99
C GLY B 150 11.98 23.16 -15.77
N ARG B 151 11.13 22.14 -15.93
CA ARG B 151 10.41 21.58 -14.79
C ARG B 151 11.33 20.94 -13.76
N LEU B 152 12.59 20.66 -14.10
CA LEU B 152 13.53 20.08 -13.14
C LEU B 152 14.39 21.12 -12.43
N ASN B 153 14.11 22.41 -12.61
CA ASN B 153 14.89 23.43 -11.91
C ASN B 153 15.03 23.10 -10.42
N TRP B 154 13.93 22.68 -9.77
CA TRP B 154 13.97 22.43 -8.32
C TRP B 154 14.97 21.33 -7.97
N VAL B 155 15.04 20.27 -8.78
CA VAL B 155 15.97 19.18 -8.52
C VAL B 155 17.41 19.67 -8.65
N TYR B 156 17.71 20.33 -9.77
CA TYR B 156 19.06 20.82 -10.00
C TYR B 156 19.50 21.79 -8.91
N ASN B 157 18.58 22.59 -8.38
CA ASN B 157 18.93 23.53 -7.31
C ASN B 157 19.38 22.78 -6.06
N ILE B 158 18.76 21.63 -5.78
CA ILE B 158 19.16 20.82 -4.63
C ILE B 158 20.48 20.10 -4.93
N ILE B 159 20.60 19.50 -6.11
CA ILE B 159 21.85 18.83 -6.48
C ILE B 159 23.05 19.77 -6.36
N GLU B 160 22.88 21.02 -6.82
CA GLU B 160 23.97 21.99 -6.82
C GLU B 160 24.17 22.70 -5.49
N GLY B 161 23.36 22.40 -4.48
CA GLY B 161 23.56 22.96 -3.16
C GLY B 161 23.02 24.37 -2.97
N ARG B 162 22.10 24.81 -3.81
CA ARG B 162 21.50 26.12 -3.62
C ARG B 162 20.23 26.07 -2.80
N LYS B 163 19.61 24.90 -2.65
CA LYS B 163 18.32 24.80 -1.97
C LYS B 163 18.28 23.54 -1.14
N GLU B 164 17.53 23.59 -0.04
CA GLU B 164 17.30 22.44 0.86
C GLU B 164 18.61 21.83 1.34
N VAL B 165 19.67 22.65 1.38
CA VAL B 165 20.94 22.17 1.93
C VAL B 165 20.73 21.58 3.31
N GLU B 166 19.84 22.17 4.10
CA GLU B 166 19.61 21.73 5.46
C GLU B 166 18.76 20.46 5.57
N ASP B 167 18.01 20.10 4.51
CA ASP B 167 17.16 18.93 4.55
C ASP B 167 17.85 17.67 4.06
N VAL B 168 18.95 17.80 3.33
CA VAL B 168 19.71 16.64 2.88
C VAL B 168 20.24 15.91 4.09
N ILE B 169 19.94 14.62 4.20
CA ILE B 169 20.42 13.87 5.35
C ILE B 169 21.77 13.22 5.07
N TYR B 170 22.16 13.11 3.80
CA TYR B 170 23.46 12.59 3.42
C TYR B 170 23.68 12.89 1.95
N ARG B 171 24.92 13.21 1.58
CA ARG B 171 25.22 13.35 0.16
C ARG B 171 26.71 13.12 -0.05
N THR B 172 27.05 12.78 -1.29
CA THR B 172 28.40 13.01 -1.76
C THR B 172 28.57 14.50 -2.12
N PRO B 173 29.70 15.10 -1.80
CA PRO B 173 29.88 16.53 -2.11
C PRO B 173 29.72 16.76 -3.61
N TYR B 174 28.90 17.76 -3.98
CA TYR B 174 28.61 18.02 -5.39
C TYR B 174 29.89 18.17 -6.19
N GLY B 175 29.95 17.48 -7.33
CA GLY B 175 31.11 17.55 -8.21
C GLY B 175 32.20 16.56 -7.91
N GLN B 176 32.23 16.02 -6.69
CA GLN B 176 33.28 15.07 -6.32
C GLN B 176 33.19 13.78 -7.12
N ASP B 177 31.98 13.27 -7.32
CA ASP B 177 31.74 12.04 -8.08
C ASP B 177 30.61 12.32 -9.07
N PRO B 178 30.93 12.82 -10.25
CA PRO B 178 29.86 13.15 -11.20
C PRO B 178 29.09 11.93 -11.71
N GLU B 179 29.71 10.76 -11.73
CA GLU B 179 28.99 9.60 -12.27
C GLU B 179 28.19 8.86 -11.20
N GLU B 180 28.77 8.65 -10.01
CA GLU B 180 28.07 7.87 -8.99
C GLU B 180 27.72 8.70 -7.76
N GLY B 181 27.79 10.03 -7.85
CA GLY B 181 27.35 10.87 -6.74
C GLY B 181 25.84 10.83 -6.54
N PHE B 182 25.41 11.21 -5.35
CA PHE B 182 23.98 11.19 -5.02
C PHE B 182 23.76 11.97 -3.73
N LEU B 183 22.50 12.26 -3.46
CA LEU B 183 22.08 12.83 -2.17
C LEU B 183 20.78 12.18 -1.71
N LEU B 184 20.56 12.19 -0.40
CA LEU B 184 19.37 11.58 0.19
C LEU B 184 18.52 12.68 0.84
N LEU B 185 17.29 12.79 0.39
CA LEU B 185 16.29 13.75 0.85
C LEU B 185 15.14 12.99 1.51
N PRO B 186 14.64 13.42 2.67
CA PRO B 186 13.46 12.77 3.25
C PRO B 186 12.21 13.00 2.41
N ASP B 187 11.40 11.97 2.27
CA ASP B 187 10.11 12.13 1.62
C ASP B 187 9.24 13.11 2.40
N LEU B 188 8.46 13.92 1.67
CA LEU B 188 7.65 14.97 2.30
C LEU B 188 6.70 14.42 3.35
N ASN B 189 6.27 13.16 3.22
CA ASN B 189 5.28 12.59 4.13
C ASN B 189 5.89 11.89 5.34
N TRP B 190 7.21 11.89 5.48
CA TRP B 190 7.86 11.24 6.60
C TRP B 190 8.16 12.28 7.68
N ASP B 191 7.89 11.94 8.94
CA ASP B 191 8.14 12.87 10.04
C ASP B 191 9.61 13.01 10.38
N ARG B 192 10.50 12.32 9.67
CA ARG B 192 11.95 12.36 9.80
C ARG B 192 12.47 11.84 11.14
N LYS B 193 11.60 11.31 12.01
CA LYS B 193 12.06 10.75 13.28
C LYS B 193 11.68 9.29 13.49
N THR B 194 10.52 8.83 12.99
CA THR B 194 10.07 7.44 13.17
C THR B 194 10.83 6.54 12.20
N VAL B 195 11.83 5.83 12.71
CA VAL B 195 12.73 5.08 11.84
C VAL B 195 11.96 4.04 11.04
N GLU B 196 10.99 3.36 11.66
CA GLU B 196 10.27 2.34 10.92
C GLU B 196 9.33 2.90 9.84
N ALA B 197 9.18 4.22 9.74
CA ALA B 197 8.45 4.82 8.63
C ALA B 197 9.39 5.50 7.63
N LEU B 198 10.69 5.21 7.71
CA LEU B 198 11.68 5.89 6.90
C LEU B 198 11.32 5.80 5.42
N HIS B 199 11.43 6.92 4.74
CA HIS B 199 11.18 7.04 3.30
C HIS B 199 12.09 8.15 2.80
N LEU B 200 13.13 7.78 2.05
CA LEU B 200 14.12 8.71 1.53
C LEU B 200 14.05 8.69 0.01
N LEU B 201 14.43 9.83 -0.61
CA LEU B 201 14.59 9.92 -2.06
C LEU B 201 16.07 10.03 -2.39
N GLY B 202 16.58 9.06 -3.14
CA GLY B 202 17.95 9.07 -3.59
C GLY B 202 18.04 9.74 -4.96
N ILE B 203 18.46 11.01 -4.95
CA ILE B 203 18.55 11.79 -6.18
C ILE B 203 19.98 11.68 -6.69
N VAL B 204 20.14 11.10 -7.87
CA VAL B 204 21.48 10.85 -8.37
C VAL B 204 22.06 12.12 -8.96
N GLU B 205 23.39 12.21 -8.98
CA GLU B 205 24.02 13.43 -9.45
C GLU B 205 23.99 13.52 -10.95
N ARG B 206 24.22 12.41 -11.65
CA ARG B 206 24.25 12.44 -13.11
C ARG B 206 22.88 12.86 -13.64
N ARG B 207 22.88 13.47 -14.83
CA ARG B 207 21.68 14.13 -15.33
C ARG B 207 21.11 13.52 -16.59
N ASP B 208 21.73 12.47 -17.13
CA ASP B 208 21.35 11.92 -18.43
C ASP B 208 20.32 10.79 -18.36
N LEU B 209 19.90 10.37 -17.17
CA LEU B 209 18.91 9.30 -17.01
C LEU B 209 17.59 9.93 -16.55
N TRP B 210 16.58 9.95 -17.44
CA TRP B 210 15.31 10.61 -17.14
C TRP B 210 14.37 9.69 -16.38
N SER B 211 14.50 8.38 -16.56
CA SER B 211 13.61 7.40 -15.97
C SER B 211 14.25 6.03 -16.19
N LEU B 212 13.60 4.99 -15.66
CA LEU B 212 14.12 3.64 -15.90
C LEU B 212 14.10 3.26 -17.39
N ARG B 213 13.29 3.92 -18.22
CA ARG B 213 13.35 3.65 -19.67
C ARG B 213 14.74 3.83 -20.24
N ASP B 214 15.57 4.66 -19.60
CA ASP B 214 16.92 4.92 -20.09
C ASP B 214 17.95 3.87 -19.68
N LEU B 215 17.60 2.94 -18.79
CA LEU B 215 18.57 1.98 -18.29
C LEU B 215 18.81 0.88 -19.31
N LYS B 216 20.08 0.54 -19.51
CA LYS B 216 20.50 -0.47 -20.47
C LYS B 216 21.49 -1.41 -19.77
N LYS B 217 21.83 -2.50 -20.47
CA LYS B 217 22.77 -3.46 -19.90
C LYS B 217 24.07 -2.80 -19.47
N LYS B 218 24.55 -1.82 -20.24
CA LYS B 218 25.79 -1.11 -19.86
C LYS B 218 25.69 -0.39 -18.52
N HIS B 219 24.48 -0.15 -18.01
CA HIS B 219 24.33 0.48 -16.71
C HIS B 219 24.31 -0.50 -15.54
N LEU B 220 24.40 -1.81 -15.79
CA LEU B 220 24.30 -2.75 -14.67
C LEU B 220 25.39 -2.53 -13.62
N PRO B 221 26.67 -2.35 -13.99
CA PRO B 221 27.66 -2.05 -12.92
C PRO B 221 27.28 -0.82 -12.12
N TRP B 222 26.91 0.27 -12.81
CA TRP B 222 26.48 1.48 -12.13
C TRP B 222 25.31 1.20 -11.20
N LEU B 223 24.33 0.41 -11.66
CA LEU B 223 23.18 0.10 -10.80
C LEU B 223 23.60 -0.68 -9.56
N ARG B 224 24.45 -1.70 -9.72
CA ARG B 224 24.94 -2.45 -8.56
C ARG B 224 25.65 -1.55 -7.58
N HIS B 225 26.53 -0.67 -8.09
CA HIS B 225 27.25 0.26 -7.22
C HIS B 225 26.30 1.18 -6.47
N MET B 226 25.32 1.74 -7.18
CA MET B 226 24.41 2.69 -6.55
C MET B 226 23.54 1.98 -5.52
N ARG B 227 23.11 0.76 -5.81
CA ARG B 227 22.33 0.02 -4.83
C ARG B 227 23.11 -0.11 -3.54
N GLU B 228 24.37 -0.56 -3.61
CA GLU B 228 25.20 -0.70 -2.41
C GLU B 228 25.36 0.63 -1.69
N LYS B 229 25.70 1.69 -2.45
CA LYS B 229 26.02 2.97 -1.85
C LYS B 229 24.81 3.57 -1.13
N LEU B 230 23.63 3.48 -1.74
CA LEU B 230 22.44 4.01 -1.07
C LEU B 230 22.14 3.26 0.21
N ILE B 231 22.29 1.92 0.18
CA ILE B 231 22.01 1.13 1.37
C ILE B 231 23.05 1.40 2.45
N GLU B 232 24.34 1.40 2.08
CA GLU B 232 25.38 1.67 3.08
C GLU B 232 25.17 3.02 3.75
N ALA B 233 24.88 4.06 2.97
CA ALA B 233 24.69 5.38 3.54
C ALA B 233 23.47 5.43 4.46
N THR B 234 22.36 4.80 4.05
CA THR B 234 21.17 4.79 4.89
C THR B 234 21.43 4.10 6.22
N THR B 235 22.07 2.92 6.19
CA THR B 235 22.34 2.20 7.43
C THR B 235 23.42 2.88 8.26
N LYS B 236 24.25 3.73 7.65
CA LYS B 236 25.20 4.53 8.41
C LYS B 236 24.50 5.66 9.17
N VAL B 237 23.57 6.36 8.52
CA VAL B 237 22.87 7.46 9.19
C VAL B 237 21.84 6.95 10.21
N TYR B 238 21.23 5.80 9.97
CA TYR B 238 20.17 5.26 10.82
C TYR B 238 20.64 3.90 11.32
N PRO B 239 21.43 3.89 12.41
CA PRO B 239 22.10 2.63 12.80
C PRO B 239 21.15 1.52 13.26
N THR B 240 19.90 1.83 13.63
CA THR B 240 18.97 0.76 13.97
C THR B 240 18.33 0.09 12.74
N VAL B 241 18.73 0.49 11.53
CA VAL B 241 18.23 -0.12 10.30
C VAL B 241 19.32 -0.98 9.69
N GLU B 242 19.00 -2.24 9.42
CA GLU B 242 19.90 -3.13 8.69
C GLU B 242 19.60 -3.09 7.20
N ALA B 243 20.57 -3.57 6.41
CA ALA B 243 20.38 -3.62 4.96
C ALA B 243 19.11 -4.37 4.57
N ASP B 244 18.84 -5.51 5.22
CA ASP B 244 17.64 -6.26 4.86
C ASP B 244 16.37 -5.72 5.49
N GLN B 245 16.39 -4.49 5.99
CA GLN B 245 15.16 -3.82 6.40
C GLN B 245 14.81 -2.65 5.48
N LEU B 246 15.43 -2.57 4.29
CA LEU B 246 15.17 -1.52 3.31
C LEU B 246 14.73 -2.13 1.98
N LYS B 247 13.82 -1.42 1.30
CA LYS B 247 13.45 -1.69 -0.08
C LYS B 247 13.76 -0.47 -0.94
N LEU B 248 14.34 -0.70 -2.11
CA LEU B 248 14.64 0.35 -3.07
C LEU B 248 13.77 0.15 -4.30
N TYR B 249 13.13 1.22 -4.78
CA TYR B 249 12.28 1.09 -5.95
C TYR B 249 12.26 2.40 -6.73
N LEU B 250 11.81 2.30 -7.98
CA LEU B 250 11.66 3.40 -8.90
C LEU B 250 10.18 3.58 -9.19
N HIS B 251 9.78 4.81 -9.54
CA HIS B 251 8.42 5.05 -10.01
C HIS B 251 8.39 5.01 -11.54
N TYR B 252 7.36 4.36 -12.08
CA TYR B 252 7.03 4.49 -13.50
C TYR B 252 5.52 4.43 -13.62
N GLN B 253 4.89 5.50 -14.12
CA GLN B 253 5.53 6.80 -14.42
C GLN B 253 6.04 7.52 -13.19
N PRO B 254 7.22 8.14 -13.28
CA PRO B 254 7.70 8.98 -12.18
C PRO B 254 6.96 10.29 -12.17
N THR B 255 7.00 10.98 -11.01
CA THR B 255 6.44 12.34 -11.00
C THR B 255 7.38 13.38 -11.58
N TYR B 256 8.68 13.10 -11.67
CA TYR B 256 9.53 14.02 -12.42
C TYR B 256 10.65 13.26 -13.11
N TYR B 257 11.19 13.87 -14.16
CA TYR B 257 11.96 13.12 -15.16
C TYR B 257 13.46 13.27 -14.95
N HIS B 258 13.87 12.94 -13.72
CA HIS B 258 15.26 12.79 -13.32
C HIS B 258 15.34 11.56 -12.41
N LEU B 259 16.10 10.54 -12.82
CA LEU B 259 16.13 9.27 -12.11
C LEU B 259 16.30 9.48 -10.60
N ASN B 260 15.41 8.86 -9.83
CA ASN B 260 15.54 8.96 -8.37
C ASN B 260 15.01 7.67 -7.77
N ILE B 261 15.68 7.20 -6.74
CA ILE B 261 15.42 5.89 -6.15
C ILE B 261 14.79 6.09 -4.79
N HIS B 262 13.57 5.58 -4.61
CA HIS B 262 12.93 5.56 -3.31
C HIS B 262 13.60 4.52 -2.42
N ILE B 263 13.82 4.90 -1.16
CA ILE B 263 14.35 4.03 -0.12
C ILE B 263 13.33 4.03 1.01
N VAL B 264 12.75 2.87 1.31
CA VAL B 264 11.75 2.76 2.37
C VAL B 264 12.11 1.65 3.34
N HIS B 265 11.79 1.87 4.63
CA HIS B 265 11.84 0.80 5.62
C HIS B 265 10.80 -0.26 5.26
N VAL B 266 11.18 -1.53 5.40
CA VAL B 266 10.24 -2.62 5.16
C VAL B 266 9.02 -2.54 6.09
N GLN B 267 9.16 -1.90 7.26
CA GLN B 267 8.00 -1.81 8.14
C GLN B 267 7.05 -0.68 7.76
N LEU B 268 7.43 0.23 6.86
CA LEU B 268 6.53 1.33 6.49
C LEU B 268 5.27 0.78 5.82
N GLU B 269 4.12 1.21 6.30
CA GLU B 269 2.86 0.75 5.72
C GLU B 269 2.77 1.14 4.25
N ALA B 270 2.45 0.17 3.40
CA ALA B 270 2.45 0.40 1.96
C ALA B 270 1.19 1.15 1.53
N GLY B 271 1.38 2.22 0.76
CA GLY B 271 0.31 2.98 0.16
C GLY B 271 0.51 3.10 -1.34
N ALA B 272 -0.09 4.13 -1.95
CA ALA B 272 -0.04 4.27 -3.41
C ALA B 272 1.39 4.34 -3.93
N THR B 273 2.32 4.91 -3.16
CA THR B 273 3.68 5.11 -3.67
C THR B 273 4.38 3.78 -3.92
N GLN B 274 3.95 2.70 -3.27
CA GLN B 274 4.54 1.36 -3.43
C GLN B 274 3.73 0.43 -4.31
N ALA B 275 2.61 0.88 -4.85
CA ALA B 275 1.65 -0.04 -5.46
C ALA B 275 2.11 -0.51 -6.85
N THR B 276 1.74 -1.75 -7.18
CA THR B 276 1.90 -2.25 -8.54
C THR B 276 1.25 -1.29 -9.54
N GLY B 277 1.90 -1.08 -10.68
CA GLY B 277 1.46 -0.05 -11.58
C GLY B 277 2.05 1.31 -11.29
N LYS B 278 2.87 1.43 -10.22
CA LYS B 278 3.55 2.68 -9.90
C LYS B 278 4.97 2.38 -9.48
N ALA B 279 5.16 1.53 -8.47
CA ALA B 279 6.49 1.23 -7.97
C ALA B 279 7.09 0.04 -8.71
N VAL B 280 8.37 0.15 -9.07
CA VAL B 280 9.11 -0.94 -9.71
C VAL B 280 10.35 -1.23 -8.88
N GLY B 281 10.45 -2.45 -8.35
CA GLY B 281 11.57 -2.77 -7.49
C GLY B 281 12.89 -2.64 -8.23
N LEU B 282 13.89 -2.04 -7.57
CA LEU B 282 15.17 -1.82 -8.24
C LEU B 282 15.80 -3.13 -8.69
N GLU B 283 15.80 -4.16 -7.82
CA GLU B 283 16.37 -5.44 -8.23
C GLU B 283 15.58 -6.08 -9.37
N SER B 284 14.28 -5.81 -9.46
CA SER B 284 13.50 -6.35 -10.57
C SER B 284 13.95 -5.74 -11.90
N VAL B 285 14.29 -4.44 -11.89
CA VAL B 285 14.81 -3.81 -13.11
C VAL B 285 16.16 -4.41 -13.48
N MET B 286 17.04 -4.58 -12.48
CA MET B 286 18.37 -5.12 -12.72
C MET B 286 18.30 -6.53 -13.30
N GLU B 287 17.43 -7.38 -12.72
CA GLU B 287 17.27 -8.74 -13.23
C GLU B 287 16.66 -8.74 -14.63
N GLN B 288 15.75 -7.81 -14.90
CA GLN B 288 15.21 -7.69 -16.25
C GLN B 288 16.31 -7.34 -17.26
N LEU B 289 17.25 -6.46 -16.86
CA LEU B 289 18.38 -6.15 -17.73
C LEU B 289 19.36 -7.32 -17.82
N GLU B 290 19.63 -7.99 -16.68
CA GLU B 290 20.61 -9.08 -16.68
C GLU B 290 20.26 -10.17 -17.69
N HIS B 291 18.99 -10.55 -17.79
CA HIS B 291 18.57 -11.70 -18.56
C HIS B 291 17.96 -11.35 -19.90
N MET B 292 17.96 -10.07 -20.28
CA MET B 292 17.29 -9.66 -21.51
C MET B 292 18.04 -10.18 -22.72
N HIS B 293 17.27 -10.57 -23.75
CA HIS B 293 17.85 -11.21 -24.91
C HIS B 293 18.74 -10.26 -25.70
N VAL B 294 19.90 -10.76 -26.12
CA VAL B 294 20.83 -10.02 -26.95
C VAL B 294 20.79 -10.65 -28.34
N GLY B 295 20.30 -9.90 -29.32
CA GLY B 295 20.14 -10.43 -30.66
C GLY B 295 21.41 -10.35 -31.48
N PRO B 296 21.34 -10.89 -32.70
CA PRO B 296 22.52 -10.89 -33.58
C PRO B 296 22.98 -9.50 -33.97
N GLU B 297 22.07 -8.53 -34.10
CA GLU B 297 22.44 -7.15 -34.40
C GLU B 297 22.77 -6.33 -33.17
N ASP B 298 22.76 -6.93 -31.98
CA ASP B 298 22.95 -6.18 -30.73
C ASP B 298 24.39 -6.19 -30.24
N GLY B 299 25.32 -6.74 -31.01
CA GLY B 299 26.72 -6.71 -30.61
C GLY B 299 26.94 -7.37 -29.26
N ASP B 300 27.69 -6.69 -28.39
CA ASP B 300 27.93 -7.19 -27.04
C ASP B 300 26.74 -7.00 -26.12
N GLY B 301 25.66 -6.37 -26.59
CA GLY B 301 24.46 -6.19 -25.80
C GLY B 301 24.42 -4.95 -24.94
N SER B 302 25.47 -4.11 -24.97
CA SER B 302 25.57 -2.98 -24.05
C SER B 302 24.37 -2.04 -24.11
N ASP B 303 23.73 -1.89 -25.28
CA ASP B 303 22.62 -0.96 -25.46
C ASP B 303 21.26 -1.65 -25.45
N VAL B 304 21.19 -2.89 -25.02
CA VAL B 304 19.90 -3.55 -24.81
C VAL B 304 19.36 -3.11 -23.46
N GLY B 305 18.12 -2.62 -23.44
CA GLY B 305 17.61 -2.12 -22.19
C GLY B 305 16.10 -1.95 -22.18
N MET B 306 15.63 -1.26 -21.14
CA MET B 306 14.22 -1.12 -20.83
C MET B 306 13.40 -0.39 -21.92
N ASP B 307 14.04 0.28 -22.87
CA ASP B 307 13.18 0.87 -23.89
C ASP B 307 12.59 -0.16 -24.85
N ARG B 308 12.94 -1.44 -24.73
CA ARG B 308 12.36 -2.49 -25.56
C ARG B 308 11.09 -3.11 -24.98
N VAL B 309 10.73 -2.75 -23.76
CA VAL B 309 9.68 -3.43 -23.00
C VAL B 309 8.35 -2.71 -23.12
N THR B 310 7.25 -3.45 -23.02
CA THR B 310 5.96 -2.82 -22.79
C THR B 310 5.74 -2.67 -21.28
N MET B 311 5.43 -1.46 -20.84
CA MET B 311 5.19 -1.16 -19.43
C MET B 311 3.74 -0.77 -19.26
N CYS B 312 3.10 -1.33 -18.23
CA CYS B 312 1.72 -1.03 -17.89
C CYS B 312 1.70 -0.37 -16.52
N TYR B 313 0.98 0.74 -16.39
CA TYR B 313 1.03 1.53 -15.17
C TYR B 313 -0.22 2.39 -15.06
N THR B 314 -0.43 2.94 -13.87
CA THR B 314 -1.60 3.77 -13.63
C THR B 314 -1.32 5.25 -13.94
N LEU B 315 -2.36 5.95 -14.39
CA LEU B 315 -2.34 7.40 -14.57
C LEU B 315 -3.62 7.98 -13.99
N GLY B 316 -3.50 9.19 -13.41
CA GLY B 316 -4.68 9.92 -13.03
C GLY B 316 -5.32 10.59 -14.23
N GLU B 317 -6.66 10.72 -14.20
CA GLU B 317 -7.38 11.26 -15.36
C GLU B 317 -7.13 12.76 -15.58
N ALA B 318 -6.58 13.48 -14.61
CA ALA B 318 -6.21 14.87 -14.83
C ALA B 318 -4.76 15.03 -15.31
N SER B 319 -4.01 13.94 -15.47
CA SER B 319 -2.61 14.06 -15.84
C SER B 319 -2.49 14.38 -17.33
N ASP B 320 -1.38 15.04 -17.69
CA ASP B 320 -1.13 15.38 -19.10
C ASP B 320 -1.10 14.15 -19.98
N LEU B 321 -0.40 13.09 -19.53
CA LEU B 321 -0.26 11.90 -20.36
C LEU B 321 -1.61 11.26 -20.64
N TRP B 322 -2.52 11.28 -19.66
CA TRP B 322 -3.86 10.75 -19.96
C TRP B 322 -4.59 11.67 -20.93
N VAL B 323 -4.64 12.97 -20.62
CA VAL B 323 -5.45 13.89 -21.41
C VAL B 323 -4.93 14.00 -22.84
N ASP B 324 -3.60 14.09 -23.01
CA ASP B 324 -3.02 14.38 -24.31
C ASP B 324 -2.57 13.14 -25.08
N VAL B 325 -2.34 12.02 -24.43
CA VAL B 325 -1.79 10.88 -25.15
C VAL B 325 -2.75 9.69 -25.09
N PHE B 326 -3.02 9.16 -23.90
CA PHE B 326 -3.66 7.85 -23.83
C PHE B 326 -5.18 7.91 -24.04
N GLU B 327 -5.84 8.95 -23.53
CA GLU B 327 -7.27 9.08 -23.81
C GLU B 327 -7.53 9.30 -25.29
N PRO B 328 -6.80 10.19 -25.98
CA PRO B 328 -6.99 10.30 -27.45
C PRO B 328 -6.74 8.99 -28.20
N LEU B 329 -5.67 8.27 -27.86
CA LEU B 329 -5.41 6.97 -28.50
C LEU B 329 -6.56 6.00 -28.25
N LYS B 330 -7.07 5.98 -27.01
CA LYS B 330 -8.23 5.16 -26.69
C LYS B 330 -9.46 5.59 -27.49
N ARG B 331 -9.71 6.90 -27.58
CA ARG B 331 -10.91 7.39 -28.26
C ARG B 331 -10.85 7.05 -29.75
N LYS B 332 -9.69 7.23 -30.37
CA LYS B 332 -9.58 6.94 -31.80
C LYS B 332 -9.76 5.46 -32.10
N LYS B 333 -9.36 4.59 -31.18
CA LYS B 333 -9.46 3.16 -31.43
C LYS B 333 -10.90 2.64 -31.36
N GLN B 334 -11.75 3.30 -30.57
CA GLN B 334 -13.07 2.74 -30.27
C GLN B 334 -14.10 3.11 -31.34
N ALA B 335 -14.76 2.07 -31.86
CA ALA B 335 -15.73 2.14 -32.95
C ALA B 335 -16.51 3.46 -33.01
C1 EDO C . 1.68 -26.02 -21.93
O1 EDO C . 2.76 -25.18 -22.33
C2 EDO C . 1.02 -25.45 -20.68
O2 EDO C . 0.30 -24.26 -21.02
H11 EDO C . 0.94 -26.10 -22.73
H12 EDO C . 2.05 -27.03 -21.71
HO1 EDO C . 3.17 -25.55 -23.14
H21 EDO C . 0.33 -26.19 -20.26
H22 EDO C . 1.78 -25.23 -19.92
HO2 EDO C . -0.11 -23.91 -20.23
C1 EDO D . -16.64 2.32 -12.07
O1 EDO D . -15.70 1.51 -12.81
C2 EDO D . -16.25 3.80 -12.13
O2 EDO D . -16.13 4.24 -13.50
H11 EDO D . -17.64 2.20 -12.49
H12 EDO D . -16.66 1.99 -11.03
HO1 EDO D . -15.97 0.58 -12.76
H21 EDO D . -17.00 4.40 -11.61
H22 EDO D . -15.29 3.95 -11.62
HO2 EDO D . -15.87 5.17 -13.52
C1 EDO E . -4.21 2.08 -7.40
O1 EDO E . -3.93 2.62 -8.69
C2 EDO E . -3.97 3.11 -6.31
O2 EDO E . -2.57 3.12 -6.00
H11 EDO E . -5.26 1.75 -7.37
H12 EDO E . -3.59 1.21 -7.23
HO1 EDO E . -4.09 1.94 -9.36
H21 EDO E . -4.28 4.11 -6.66
H22 EDO E . -4.55 2.86 -5.42
HO2 EDO E . -2.41 3.77 -5.31
C1 EDO F . 0.54 -31.80 -6.06
O1 EDO F . 1.83 -31.16 -6.03
C2 EDO F . -0.05 -31.94 -4.66
O2 EDO F . -1.02 -30.92 -4.36
H11 EDO F . -0.13 -31.21 -6.68
H12 EDO F . 0.64 -32.78 -6.51
HO1 EDO F . 2.18 -31.08 -6.93
H21 EDO F . -0.54 -32.92 -4.57
H22 EDO F . 0.74 -31.90 -3.92
HO2 EDO F . -1.38 -31.05 -3.48
C1 EDO G . -3.49 -30.47 -13.90
O1 EDO G . -4.63 -29.73 -13.42
C2 EDO G . -3.76 -31.97 -13.79
O2 EDO G . -2.59 -32.70 -14.18
H11 EDO G . -2.61 -30.21 -13.31
H12 EDO G . -3.29 -30.21 -14.93
HO1 EDO G . -4.46 -28.78 -13.50
H21 EDO G . -4.03 -32.22 -12.76
H22 EDO G . -4.60 -32.24 -14.43
HO2 EDO G . -2.76 -33.65 -14.10
C1 EDO H . 0.66 -7.27 -22.16
O1 EDO H . 0.08 -6.08 -22.71
C2 EDO H . 1.81 -7.76 -23.04
O2 EDO H . 2.79 -8.45 -22.24
H11 EDO H . 1.01 -7.08 -21.15
H12 EDO H . -0.11 -8.06 -22.10
HO1 EDO H . -0.66 -5.78 -22.15
H21 EDO H . 1.44 -8.43 -23.80
H22 EDO H . 2.27 -6.90 -23.53
HO2 EDO H . 3.52 -8.74 -22.81
C1 EDO I . -1.41 -15.16 -3.86
O1 EDO I . -0.50 -16.24 -3.64
C2 EDO I . -2.30 -14.92 -2.64
O2 EDO I . -3.63 -14.62 -3.10
H11 EDO I . -0.84 -14.26 -4.08
H12 EDO I . -2.04 -15.38 -4.73
HO1 EDO I . 0.04 -16.37 -4.44
H21 EDO I . -2.30 -15.80 -2.01
H22 EDO I . -1.92 -14.08 -2.06
HO2 EDO I . -4.20 -14.47 -2.33
C1 PEG J . -23.45 4.36 15.72
O1 PEG J . -22.98 3.89 14.48
C2 PEG J . -23.60 3.22 16.74
O2 PEG J . -24.07 3.74 17.96
C3 PEG J . -23.52 3.19 19.13
C4 PEG J . -24.50 3.38 20.31
O4 PEG J . -24.83 4.74 20.53
H11 PEG J . -22.82 5.02 16.06
H12 PEG J . -24.31 4.78 15.58
HO1 PEG J . -23.27 4.38 13.85
H21 PEG J . -24.25 2.58 16.39
H22 PEG J . -22.75 2.79 16.87
H31 PEG J . -23.37 2.24 19.00
H32 PEG J . -22.68 3.64 19.34
H41 PEG J . -25.32 2.89 20.12
H42 PEG J . -24.10 3.02 21.12
HO4 PEG J . -25.59 4.79 20.90
C1 EDO K . 21.27 -14.45 -19.22
O1 EDO K . 22.38 -13.94 -18.46
C2 EDO K . 20.57 -15.58 -18.46
O2 EDO K . 19.21 -15.69 -18.91
H11 EDO K . 20.56 -13.64 -19.40
H12 EDO K . 21.63 -14.81 -20.18
HO1 EDO K . 22.81 -13.23 -18.95
H21 EDO K . 21.10 -16.52 -18.65
H22 EDO K . 20.60 -15.38 -17.40
HO2 EDO K . 18.78 -16.41 -18.42
C1 EDO L . 27.04 5.14 -17.79
O1 EDO L . 27.27 4.26 -16.69
C2 EDO L . 27.82 4.69 -19.02
O2 EDO L . 27.65 3.27 -19.19
H11 EDO L . 25.97 5.16 -18.04
H12 EDO L . 27.34 6.17 -17.53
HO1 EDO L . 26.77 4.57 -15.92
H21 EDO L . 27.45 5.22 -19.91
H22 EDO L . 28.87 4.92 -18.89
HO2 EDO L . 28.14 2.98 -19.97
C1 EDO M . 21.07 -8.83 -7.49
O1 EDO M . 19.79 -8.84 -6.85
C2 EDO M . 20.97 -9.39 -8.90
O2 EDO M . 20.37 -8.43 -9.78
H11 EDO M . 21.45 -7.80 -7.53
H12 EDO M . 21.78 -9.43 -6.91
HO1 EDO M . 19.87 -8.49 -5.95
H21 EDO M . 21.96 -9.66 -9.26
H22 EDO M . 20.36 -10.30 -8.88
HO2 EDO M . 20.31 -8.81 -10.67
C1 EDO N . -15.66 -20.20 26.49
O1 EDO N . -16.49 -20.54 25.36
C2 EDO N . -14.51 -21.20 26.64
O2 EDO N . -13.28 -20.56 27.00
H11 EDO N . -15.25 -19.19 26.35
H12 EDO N . -16.26 -20.19 27.39
HO1 EDO N . -17.21 -19.90 25.28
H21 EDO N . -14.78 -21.93 27.41
H22 EDO N . -14.38 -21.74 25.70
HO2 EDO N . -12.58 -21.22 27.08
C1 EDO O . 9.65 9.18 -8.31
O1 EDO O . 9.91 9.60 -9.67
C2 EDO O . 8.69 10.15 -7.63
O2 EDO O . 7.43 10.16 -8.34
H11 EDO O . 9.23 8.18 -8.32
H12 EDO O . 10.60 9.15 -7.76
HO1 EDO O . 10.53 8.99 -10.09
H21 EDO O . 8.53 9.82 -6.60
H22 EDO O . 9.12 11.15 -7.60
HO2 EDO O . 6.83 10.77 -7.90
#